data_8YJR
#
_entry.id   8YJR
#
_cell.length_a   1.00
_cell.length_b   1.00
_cell.length_c   1.00
_cell.angle_alpha   90.00
_cell.angle_beta   90.00
_cell.angle_gamma   90.00
#
_symmetry.space_group_name_H-M   'P 1'
#
loop_
_entity.id
_entity.type
_entity.pdbx_description
1 polymer 'Proliferating cell nuclear antigen'
2 polymer 'Flap endonuclease 1'
3 polymer 'upstream DNA'
4 polymer 'parent DNA'
5 polymer 'downstream DNA'
6 polymer '5 prime flap DNA'
#
loop_
_entity_poly.entity_id
_entity_poly.type
_entity_poly.pdbx_seq_one_letter_code
_entity_poly.pdbx_strand_id
1 'polypeptide(L)'
;MFEARLVQGSILKKVLEALKDLINEACWDISSSGVNLQSMDSSHVSLVQLTLRSEGFDTYRCDRNLAMGVNLTSMSKILK
CAGNEDIITLRAEDNADTLALVFEAPNQEKVSDYEMKLMDLDVEQLGIPEQEYSCVVKMPSGEFARICRDLSHIGDAVVI
SCAKDGVKFSASGELGNGNIKLSQTSNVDKEEEAVTIEMNEPVQLTFALRYLNFFTKATPLSSTVTLSMSADVPLVVEYK
IADMGHLKYYLAPKIEDEEGS
;
B,C,A
2 'polypeptide(L)'
;MGIQGLAKLIADVAPSAIRENDIKSYFGRKVAIDASMSIYQFLIAVRQGGDVLQNEEGETTSHLMGMFYRTIRMMENGIK
PVYVFDGKPPQLKSGELAKRSERRAEAEKQLQQAQAAGAEQEVEKFTKRLVKVTKQHNDECKHLLSLMGIPYLDAPSEAE
ASCAALVKAGKVYAAATEDMDCLTFGSPVLMRHLTASEAKKLPIQEFHLSRILQELGLNQEQFVDLCILLGSDYCESIRG
IGPKRAVDLIQKHKSIEEIVRRLDPNKYPVPENWLHKEAHQLFLEPEVLDPESVELKWSEPNEEELIKFMCGEKQFSEER
IRSGVKRLSKSRQGSTQGRLDDFFKVTGSLSSAKRKEPEPKGSTKKKAKTGAAGKFKRGK
;
D
3 'polydeoxyribonucleotide' (DT)(DA)(DT)(DA)(DT)(DT)(DT)(DT)(DT)(DT)(DT)(DT)(DA)(DA)(DA)(DT)(DT)(DT)(DA)(DT) J
4 'polydeoxyribonucleotide'
;(DT)(DT)(DT)(DT)(DT)(DT)(DT)(DA)(DT)(DA)(DA)(DA)(DT)(DA)(DA)(DA)(DT)(DT)(DT)(DA)
(DA)(DA)(DA)(DA)(DA)(DA)(DA)(DT)(DA)(DT)(DA)
;
E
5 'polydeoxyribonucleotide' (DT)(DT)(DA)(DT)(DA)(DA)(DA)(DA)(DA)(DA)(DA) F
6 'polydeoxyribonucleotide' (DT)(DT)(DT) H
#
# COMPACT_ATOMS: atom_id res chain seq x y z
N PHE A 2 19.05 38.88 -27.44
CA PHE A 2 19.56 38.06 -26.35
C PHE A 2 19.92 36.67 -26.85
N GLU A 3 21.14 36.23 -26.53
CA GLU A 3 21.61 34.91 -26.91
C GLU A 3 22.62 34.46 -25.87
N ALA A 4 22.39 33.31 -25.25
CA ALA A 4 23.22 32.81 -24.15
C ALA A 4 23.52 31.34 -24.37
N ARG A 5 24.62 31.05 -25.07
CA ARG A 5 25.09 29.70 -25.25
C ARG A 5 25.72 29.22 -23.95
N LEU A 6 25.49 27.96 -23.60
CA LEU A 6 25.94 27.40 -22.33
C LEU A 6 26.34 25.95 -22.55
N VAL A 7 27.62 25.66 -22.40
CA VAL A 7 28.15 24.36 -22.82
C VAL A 7 27.81 23.27 -21.81
N GLN A 8 27.47 23.65 -20.58
CA GLN A 8 27.07 22.68 -19.56
C GLN A 8 25.63 23.05 -19.22
N GLY A 9 24.69 22.30 -19.80
CA GLY A 9 23.28 22.55 -19.61
C GLY A 9 22.68 21.93 -18.37
N SER A 10 23.46 21.09 -17.69
CA SER A 10 23.04 20.47 -16.45
C SER A 10 22.88 21.47 -15.32
N ILE A 11 23.62 22.59 -15.36
CA ILE A 11 23.49 23.64 -14.36
C ILE A 11 22.11 24.30 -14.45
N LEU A 12 21.69 24.68 -15.66
CA LEU A 12 20.38 25.30 -15.85
C LEU A 12 19.26 24.29 -15.66
N LYS A 13 19.52 23.01 -15.99
CA LYS A 13 18.56 21.94 -15.71
C LYS A 13 18.35 21.75 -14.21
N LYS A 14 19.42 21.80 -13.42
CA LYS A 14 19.29 21.69 -11.98
C LYS A 14 18.71 22.94 -11.33
N VAL A 15 18.92 24.11 -11.95
CA VAL A 15 18.22 25.34 -11.52
C VAL A 15 16.72 25.19 -11.72
N LEU A 16 16.29 24.68 -12.87
CA LEU A 16 14.86 24.53 -13.10
C LEU A 16 14.24 23.33 -12.39
N GLU A 17 15.03 22.33 -11.99
CA GLU A 17 14.51 21.36 -11.05
C GLU A 17 14.60 21.84 -9.61
N ALA A 18 15.31 22.94 -9.36
CA ALA A 18 15.34 23.53 -8.02
C ALA A 18 14.20 24.49 -7.78
N LEU A 19 13.61 25.07 -8.83
CA LEU A 19 12.65 26.15 -8.67
C LEU A 19 11.24 25.84 -9.15
N LYS A 20 11.01 24.67 -9.76
CA LYS A 20 9.67 24.35 -10.24
C LYS A 20 8.72 23.96 -9.11
N ASP A 21 9.24 23.56 -7.95
CA ASP A 21 8.39 23.26 -6.81
C ASP A 21 8.02 24.53 -6.05
N LEU A 22 8.91 25.51 -6.01
CA LEU A 22 8.66 26.74 -5.26
C LEU A 22 7.82 27.72 -6.07
N ILE A 23 8.31 28.13 -7.23
CA ILE A 23 7.74 29.23 -7.98
C ILE A 23 7.03 28.67 -9.20
N ASN A 24 5.79 29.09 -9.43
CA ASN A 24 5.10 28.74 -10.66
C ASN A 24 5.40 29.71 -11.80
N GLU A 25 5.38 31.02 -11.53
CA GLU A 25 5.55 32.02 -12.57
C GLU A 25 6.42 33.14 -12.03
N ALA A 26 7.41 33.56 -12.83
CA ALA A 26 8.35 34.59 -12.40
C ALA A 26 8.89 35.33 -13.61
N CYS A 27 9.41 36.54 -13.36
CA CYS A 27 9.99 37.37 -14.40
C CYS A 27 11.51 37.25 -14.37
N TRP A 28 12.09 36.78 -15.47
CA TRP A 28 13.53 36.61 -15.60
C TRP A 28 14.15 37.95 -15.99
N ASP A 29 14.70 38.65 -15.00
CA ASP A 29 15.34 39.94 -15.24
C ASP A 29 16.70 39.74 -15.89
N ILE A 30 16.71 39.59 -17.20
CA ILE A 30 17.94 39.35 -17.95
C ILE A 30 18.53 40.70 -18.37
N SER A 31 19.77 40.96 -17.96
CA SER A 31 20.45 42.21 -18.24
C SER A 31 21.77 41.91 -18.95
N SER A 32 22.55 42.97 -19.18
CA SER A 32 23.85 42.81 -19.82
C SER A 32 24.89 42.23 -18.86
N SER A 33 24.73 42.48 -17.55
CA SER A 33 25.67 41.95 -16.57
C SER A 33 25.45 40.46 -16.30
N GLY A 34 24.30 39.93 -16.63
CA GLY A 34 24.03 38.51 -16.44
C GLY A 34 22.56 38.27 -16.17
N VAL A 35 22.22 36.99 -16.07
CA VAL A 35 20.85 36.57 -15.81
C VAL A 35 20.55 36.74 -14.33
N ASN A 36 19.53 37.52 -14.01
CA ASN A 36 19.11 37.74 -12.63
C ASN A 36 17.65 37.32 -12.48
N LEU A 37 17.35 36.67 -11.36
CA LEU A 37 15.99 36.24 -11.05
C LEU A 37 15.76 36.44 -9.56
N GLN A 38 15.07 37.52 -9.20
CA GLN A 38 14.73 37.82 -7.81
C GLN A 38 13.20 37.81 -7.74
N SER A 39 12.65 36.71 -7.24
CA SER A 39 11.20 36.52 -7.25
C SER A 39 10.75 35.81 -5.99
N MET A 40 9.47 35.97 -5.70
CA MET A 40 8.85 35.46 -4.48
C MET A 40 7.83 34.40 -4.90
N ASP A 41 7.70 33.34 -4.09
CA ASP A 41 7.08 32.10 -4.52
C ASP A 41 5.56 32.21 -4.60
N SER A 42 4.90 31.10 -4.98
CA SER A 42 3.45 31.09 -5.18
C SER A 42 2.68 31.13 -3.87
N SER A 43 3.26 30.63 -2.79
CA SER A 43 2.62 30.69 -1.48
C SER A 43 2.91 31.98 -0.73
N HIS A 44 3.76 32.85 -1.32
CA HIS A 44 4.12 34.19 -0.81
C HIS A 44 4.72 34.14 0.60
N VAL A 45 5.68 33.21 0.78
CA VAL A 45 6.43 33.09 2.02
C VAL A 45 7.93 33.24 1.78
N SER A 46 8.46 32.47 0.83
CA SER A 46 9.90 32.38 0.61
C SER A 46 10.31 33.18 -0.64
N LEU A 47 11.44 33.87 -0.54
CA LEU A 47 11.98 34.67 -1.63
C LEU A 47 13.21 33.97 -2.21
N VAL A 48 13.27 33.88 -3.53
CA VAL A 48 14.36 33.23 -4.25
C VAL A 48 15.14 34.28 -5.02
N GLN A 49 16.46 34.30 -4.83
CA GLN A 49 17.35 35.20 -5.56
C GLN A 49 18.32 34.34 -6.38
N LEU A 50 18.09 34.27 -7.68
CA LEU A 50 18.97 33.60 -8.62
C LEU A 50 19.79 34.65 -9.37
N THR A 51 21.11 34.50 -9.34
CA THR A 51 22.01 35.36 -10.10
C THR A 51 22.93 34.46 -10.92
N LEU A 52 22.81 34.55 -12.24
CA LEU A 52 23.70 33.85 -13.17
C LEU A 52 24.49 34.92 -13.91
N ARG A 53 25.78 35.01 -13.61
CA ARG A 53 26.63 36.05 -14.18
C ARG A 53 26.94 35.77 -15.63
N SER A 54 27.15 36.84 -16.40
CA SER A 54 27.45 36.73 -17.81
C SER A 54 28.87 36.23 -18.07
N GLU A 55 29.76 36.34 -17.08
CA GLU A 55 31.11 35.79 -17.23
C GLU A 55 31.09 34.27 -17.19
N GLY A 56 30.14 33.67 -16.47
CA GLY A 56 30.00 32.23 -16.45
C GLY A 56 29.45 31.64 -17.73
N PHE A 57 28.63 32.41 -18.46
CA PHE A 57 28.14 31.97 -19.75
C PHE A 57 29.26 32.00 -20.80
N ASP A 58 29.06 31.25 -21.87
CA ASP A 58 30.11 31.09 -22.87
C ASP A 58 30.00 32.12 -23.98
N THR A 59 28.82 32.24 -24.59
CA THR A 59 28.57 33.24 -25.62
C THR A 59 27.34 34.02 -25.18
N TYR A 60 27.57 35.07 -24.39
CA TYR A 60 26.50 35.89 -23.83
C TYR A 60 26.51 37.24 -24.53
N ARG A 61 25.38 37.60 -25.15
CA ARG A 61 25.18 38.95 -25.64
C ARG A 61 23.78 39.39 -25.24
N CYS A 62 23.65 40.67 -24.91
CA CYS A 62 22.38 41.20 -24.43
C CYS A 62 22.31 42.67 -24.78
N ASP A 63 21.26 43.05 -25.52
CA ASP A 63 21.16 44.44 -25.98
C ASP A 63 20.59 45.35 -24.90
N ARG A 64 19.37 45.08 -24.45
CA ARG A 64 18.71 45.92 -23.46
C ARG A 64 18.40 45.09 -22.21
N ASN A 65 17.63 45.67 -21.30
CA ASN A 65 17.18 44.98 -20.10
C ASN A 65 15.86 44.30 -20.42
N LEU A 66 15.92 43.00 -20.73
CA LEU A 66 14.74 42.22 -21.07
C LEU A 66 14.20 41.52 -19.82
N ALA A 67 12.91 41.70 -19.56
CA ALA A 67 12.24 41.10 -18.41
C ALA A 67 11.03 40.31 -18.93
N MET A 68 11.25 39.04 -19.23
CA MET A 68 10.19 38.17 -19.72
C MET A 68 9.66 37.30 -18.59
N GLY A 69 8.34 37.09 -18.57
CA GLY A 69 7.71 36.30 -17.54
C GLY A 69 7.45 34.87 -17.99
N VAL A 70 8.28 33.95 -17.53
CA VAL A 70 8.20 32.57 -17.97
C VAL A 70 7.33 31.76 -17.01
N ASN A 71 6.83 30.65 -17.51
CA ASN A 71 6.16 29.65 -16.68
C ASN A 71 7.21 28.61 -16.30
N LEU A 72 7.42 28.44 -14.99
CA LEU A 72 8.56 27.66 -14.50
C LEU A 72 8.34 26.16 -14.69
N THR A 73 7.11 25.69 -14.50
CA THR A 73 6.78 24.29 -14.75
C THR A 73 6.88 23.96 -16.24
N SER A 74 6.44 24.87 -17.10
CA SER A 74 6.44 24.64 -18.53
C SER A 74 7.85 24.65 -19.11
N MET A 75 8.69 25.62 -18.73
CA MET A 75 10.02 25.65 -19.30
C MET A 75 10.94 24.68 -18.54
N SER A 76 10.55 24.25 -17.33
CA SER A 76 11.17 23.09 -16.70
C SER A 76 10.85 21.81 -17.48
N LYS A 77 9.63 21.68 -18.01
CA LYS A 77 9.32 20.57 -18.90
C LYS A 77 10.06 20.67 -20.23
N ILE A 78 10.35 21.89 -20.68
CA ILE A 78 11.20 22.08 -21.85
C ILE A 78 12.64 21.67 -21.54
N LEU A 79 13.12 21.97 -20.34
CA LEU A 79 14.47 21.56 -19.95
C LEU A 79 14.56 20.10 -19.55
N LYS A 80 13.43 19.40 -19.41
CA LYS A 80 13.44 17.94 -19.38
C LYS A 80 13.96 17.36 -20.69
N CYS A 81 13.72 18.04 -21.81
CA CYS A 81 14.20 17.57 -23.11
C CYS A 81 15.70 17.68 -23.24
N ALA A 82 16.30 18.67 -22.59
CA ALA A 82 17.76 18.77 -22.57
C ALA A 82 18.35 17.68 -21.69
N GLY A 83 19.42 17.07 -22.17
CA GLY A 83 20.08 16.02 -21.43
C GLY A 83 21.02 16.55 -20.37
N ASN A 84 21.77 15.63 -19.78
CA ASN A 84 22.77 15.97 -18.78
C ASN A 84 23.97 16.67 -19.41
N GLU A 85 24.26 16.39 -20.68
CA GLU A 85 25.45 16.89 -21.34
C GLU A 85 25.18 17.85 -22.49
N ASP A 86 23.93 18.22 -22.73
CA ASP A 86 23.59 19.03 -23.90
C ASP A 86 23.99 20.49 -23.71
N ILE A 87 24.29 21.14 -24.83
CA ILE A 87 24.69 22.54 -24.85
C ILE A 87 23.43 23.38 -25.06
N ILE A 88 23.04 24.13 -24.05
CA ILE A 88 21.80 24.91 -24.08
C ILE A 88 22.12 26.30 -24.61
N THR A 89 21.45 26.69 -25.69
CA THR A 89 21.60 28.01 -26.29
C THR A 89 20.26 28.73 -26.22
N LEU A 90 20.15 29.67 -25.28
CA LEU A 90 18.96 30.52 -25.22
C LEU A 90 19.01 31.53 -26.35
N ARG A 91 17.82 31.99 -26.76
CA ARG A 91 17.72 32.92 -27.87
C ARG A 91 16.43 33.71 -27.69
N ALA A 92 16.50 35.03 -27.90
CA ALA A 92 15.33 35.87 -27.74
C ALA A 92 15.47 37.10 -28.61
N GLU A 93 14.33 37.73 -28.90
CA GLU A 93 14.26 38.91 -29.75
C GLU A 93 13.61 40.07 -29.00
N ASP A 94 13.61 41.23 -29.65
CA ASP A 94 13.05 42.44 -29.06
C ASP A 94 11.53 42.44 -29.15
N ASN A 95 10.99 42.36 -30.37
CA ASN A 95 9.55 42.39 -30.58
C ASN A 95 8.87 41.06 -30.32
N ALA A 96 9.62 39.96 -30.24
CA ALA A 96 9.05 38.65 -29.99
C ALA A 96 9.00 38.36 -28.49
N ASP A 97 8.05 37.52 -28.10
CA ASP A 97 7.87 37.10 -26.72
C ASP A 97 8.10 35.60 -26.57
N THR A 98 9.02 35.06 -27.37
CA THR A 98 9.33 33.63 -27.37
C THR A 98 10.76 33.45 -26.88
N LEU A 99 10.92 32.59 -25.86
CA LEU A 99 12.25 32.23 -25.36
C LEU A 99 12.72 31.01 -26.13
N ALA A 100 13.44 31.24 -27.22
CA ALA A 100 13.87 30.16 -28.11
C ALA A 100 15.02 29.40 -27.48
N LEU A 101 14.81 28.13 -27.19
CA LEU A 101 15.81 27.28 -26.56
C LEU A 101 16.33 26.27 -27.57
N VAL A 102 17.65 26.21 -27.72
CA VAL A 102 18.30 25.31 -28.68
C VAL A 102 19.26 24.42 -27.91
N PHE A 103 19.06 23.11 -28.01
CA PHE A 103 19.92 22.14 -27.36
C PHE A 103 20.80 21.47 -28.40
N GLU A 104 22.10 21.41 -28.12
CA GLU A 104 23.07 20.82 -29.03
C GLU A 104 23.75 19.63 -28.36
N ALA A 105 23.93 18.56 -29.14
CA ALA A 105 24.59 17.36 -28.64
C ALA A 105 26.09 17.62 -28.49
N PRO A 106 26.76 16.91 -27.57
CA PRO A 106 28.23 17.00 -27.50
C PRO A 106 28.95 16.47 -28.73
N ASN A 107 28.41 15.45 -29.38
CA ASN A 107 29.00 14.92 -30.61
C ASN A 107 28.42 15.54 -31.87
N GLN A 108 27.56 16.57 -31.71
CA GLN A 108 26.97 17.39 -32.77
C GLN A 108 26.15 16.55 -33.77
N GLU A 109 25.08 15.95 -33.25
CA GLU A 109 24.19 15.14 -34.06
C GLU A 109 22.72 15.45 -33.85
N LYS A 110 22.35 16.20 -32.81
CA LYS A 110 20.95 16.52 -32.53
C LYS A 110 20.84 18.00 -32.18
N VAL A 111 19.94 18.70 -32.88
CA VAL A 111 19.63 20.10 -32.60
C VAL A 111 18.15 20.16 -32.23
N SER A 112 17.87 20.62 -31.02
CA SER A 112 16.51 20.61 -30.46
C SER A 112 16.05 22.05 -30.24
N ASP A 113 15.40 22.62 -31.26
CA ASP A 113 14.81 23.95 -31.12
C ASP A 113 13.54 23.87 -30.29
N TYR A 114 13.30 24.91 -29.49
CA TYR A 114 12.19 24.93 -28.54
C TYR A 114 11.78 26.37 -28.28
N GLU A 115 10.61 26.76 -28.80
CA GLU A 115 10.07 28.08 -28.54
C GLU A 115 9.07 28.03 -27.39
N MET A 116 8.68 29.21 -26.92
CA MET A 116 7.79 29.37 -25.78
C MET A 116 6.64 30.29 -26.11
N LYS A 117 5.55 30.13 -25.36
CA LYS A 117 4.40 31.03 -25.40
C LYS A 117 4.31 31.67 -24.01
N LEU A 118 5.05 32.77 -23.82
CA LEU A 118 5.11 33.46 -22.55
C LEU A 118 3.89 34.37 -22.37
N MET A 119 3.63 34.75 -21.13
CA MET A 119 2.64 35.77 -20.82
C MET A 119 3.21 36.72 -19.79
N ASP A 120 2.69 37.95 -19.80
CA ASP A 120 3.20 38.99 -18.91
C ASP A 120 2.70 38.79 -17.49
N LEU A 121 3.51 39.24 -16.53
CA LEU A 121 3.17 39.19 -15.12
C LEU A 121 3.66 40.48 -14.46
N ASP A 122 3.19 40.71 -13.24
CA ASP A 122 3.59 41.91 -12.51
C ASP A 122 5.02 41.82 -11.96
N VAL A 123 5.84 42.78 -12.34
CA VAL A 123 7.27 42.78 -11.99
C VAL A 123 7.38 43.30 -10.57
N GLU A 124 7.51 42.40 -9.61
CA GLU A 124 7.66 42.75 -8.20
C GLU A 124 9.09 42.45 -7.77
N GLN A 125 9.85 43.51 -7.50
CA GLN A 125 11.23 43.38 -7.03
C GLN A 125 11.25 43.69 -5.54
N LEU A 126 11.53 42.66 -4.73
CA LEU A 126 11.58 42.85 -3.29
C LEU A 126 12.88 43.53 -2.89
N GLY A 127 14.01 42.91 -3.20
CA GLY A 127 15.32 43.50 -2.95
C GLY A 127 15.71 43.57 -1.49
N ILE A 128 15.95 42.42 -0.88
CA ILE A 128 16.43 42.39 0.51
C ILE A 128 17.91 42.80 0.51
N PRO A 129 18.28 43.82 1.30
CA PRO A 129 19.68 44.26 1.31
C PRO A 129 20.58 43.31 2.08
N GLU A 130 21.87 43.47 1.87
CA GLU A 130 22.86 42.60 2.52
C GLU A 130 23.02 42.95 3.99
N GLN A 131 22.17 42.37 4.83
CA GLN A 131 22.34 42.48 6.27
C GLN A 131 23.56 41.66 6.68
N GLU A 132 24.29 42.16 7.68
CA GLU A 132 25.53 41.51 8.12
C GLU A 132 25.16 40.28 8.94
N TYR A 133 25.44 39.10 8.41
CA TYR A 133 25.04 37.85 9.03
C TYR A 133 26.10 37.43 10.06
N SER A 134 25.65 37.27 11.30
CA SER A 134 26.57 36.97 12.40
C SER A 134 27.05 35.52 12.37
N CYS A 135 26.19 34.59 11.98
CA CYS A 135 26.51 33.17 11.95
C CYS A 135 26.39 32.67 10.52
N VAL A 136 27.52 32.41 9.87
CA VAL A 136 27.54 31.85 8.53
C VAL A 136 28.08 30.42 8.60
N VAL A 137 27.36 29.49 7.99
CA VAL A 137 27.65 28.06 8.08
C VAL A 137 27.83 27.54 6.65
N LYS A 138 28.93 26.84 6.40
CA LYS A 138 29.23 26.28 5.08
C LYS A 138 29.11 24.76 5.15
N MET A 139 27.94 24.24 4.80
CA MET A 139 27.60 22.83 4.87
C MET A 139 27.76 22.15 3.52
N PRO A 140 27.99 20.84 3.49
CA PRO A 140 27.87 20.09 2.23
C PRO A 140 26.41 19.94 1.81
N SER A 141 26.25 19.57 0.53
CA SER A 141 24.91 19.42 -0.04
C SER A 141 24.20 18.18 0.48
N GLY A 142 24.91 17.05 0.53
CA GLY A 142 24.30 15.80 0.97
C GLY A 142 23.95 15.78 2.44
N GLU A 143 24.78 16.41 3.29
CA GLU A 143 24.51 16.47 4.72
C GLU A 143 23.29 17.35 5.02
N PHE A 144 23.20 18.52 4.37
CA PHE A 144 22.04 19.39 4.54
C PHE A 144 20.77 18.78 3.95
N ALA A 145 20.92 18.03 2.84
CA ALA A 145 19.79 17.34 2.23
C ALA A 145 19.24 16.25 3.14
N ARG A 146 20.12 15.44 3.74
CA ARG A 146 19.67 14.42 4.67
C ARG A 146 19.14 15.02 5.97
N ILE A 147 19.69 16.15 6.42
CA ILE A 147 19.23 16.80 7.65
C ILE A 147 17.82 17.36 7.47
N CYS A 148 17.57 18.06 6.37
CA CYS A 148 16.23 18.61 6.13
C CYS A 148 15.21 17.53 5.78
N ARG A 149 15.61 16.57 4.93
CA ARG A 149 14.71 15.51 4.51
C ARG A 149 14.43 14.49 5.61
N ASP A 150 15.27 14.40 6.63
CA ASP A 150 15.05 13.45 7.71
C ASP A 150 14.52 14.09 8.98
N LEU A 151 14.73 15.39 9.19
CA LEU A 151 14.00 16.06 10.24
C LEU A 151 12.61 16.51 9.80
N SER A 152 12.34 16.49 8.49
CA SER A 152 11.01 16.84 8.00
C SER A 152 9.97 15.76 8.29
N HIS A 153 10.39 14.52 8.54
CA HIS A 153 9.45 13.46 8.90
C HIS A 153 8.95 13.59 10.33
N ILE A 154 9.64 14.36 11.17
CA ILE A 154 9.27 14.48 12.57
C ILE A 154 8.25 15.60 12.74
N GLY A 155 8.62 16.82 12.33
CA GLY A 155 7.74 17.95 12.45
C GLY A 155 7.86 18.86 11.24
N ASP A 156 6.99 19.87 11.21
CA ASP A 156 7.03 20.88 10.16
C ASP A 156 7.91 22.06 10.52
N ALA A 157 8.57 22.03 11.68
CA ALA A 157 9.43 23.11 12.12
C ALA A 157 10.76 22.56 12.60
N VAL A 158 11.85 23.17 12.13
CA VAL A 158 13.20 22.86 12.57
C VAL A 158 13.64 24.00 13.48
N VAL A 159 14.55 23.70 14.41
CA VAL A 159 15.16 24.69 15.28
C VAL A 159 16.66 24.63 15.01
N ILE A 160 17.21 25.63 14.34
CA ILE A 160 18.63 25.68 14.05
C ILE A 160 19.33 26.52 15.11
N SER A 161 20.36 25.95 15.73
CA SER A 161 21.12 26.62 16.78
C SER A 161 22.56 26.77 16.34
N CYS A 162 23.13 27.94 16.60
CA CYS A 162 24.49 28.28 16.18
C CYS A 162 25.38 28.36 17.42
N ALA A 163 26.60 27.85 17.29
CA ALA A 163 27.56 27.86 18.38
C ALA A 163 28.97 27.85 17.79
N LYS A 164 29.96 28.01 18.67
CA LYS A 164 31.36 27.95 18.25
C LYS A 164 31.78 26.52 17.94
N ASP A 165 31.28 25.55 18.71
CA ASP A 165 31.63 24.16 18.49
C ASP A 165 30.97 23.59 17.23
N GLY A 166 29.75 24.03 16.94
CA GLY A 166 29.09 23.58 15.72
C GLY A 166 27.64 24.02 15.69
N VAL A 167 26.98 23.62 14.62
CA VAL A 167 25.58 23.96 14.38
C VAL A 167 24.70 22.82 14.86
N LYS A 168 23.58 23.16 15.49
CA LYS A 168 22.67 22.18 16.06
C LYS A 168 21.32 22.28 15.35
N PHE A 169 20.89 21.19 14.73
CA PHE A 169 19.59 21.13 14.06
C PHE A 169 18.64 20.34 14.94
N SER A 170 17.64 21.01 15.49
CA SER A 170 16.66 20.39 16.38
C SER A 170 15.28 20.42 15.74
N ALA A 171 14.49 19.38 16.00
CA ALA A 171 13.13 19.31 15.47
C ALA A 171 12.29 18.46 16.42
N SER A 172 11.13 18.98 16.79
CA SER A 172 10.20 18.28 17.66
C SER A 172 8.91 17.96 16.90
N GLY A 173 8.00 17.29 17.60
CA GLY A 173 6.71 16.96 17.00
C GLY A 173 6.14 15.70 17.63
N GLU A 174 5.32 15.01 16.83
CA GLU A 174 4.72 13.76 17.28
C GLU A 174 5.77 12.65 17.31
N LEU A 175 6.80 12.76 16.47
CA LEU A 175 7.83 11.74 16.33
C LEU A 175 9.00 11.97 17.31
N GLY A 176 8.68 12.16 18.58
CA GLY A 176 9.71 12.36 19.59
C GLY A 176 10.41 13.70 19.45
N ASN A 177 11.72 13.69 19.62
CA ASN A 177 12.55 14.90 19.50
C ASN A 177 13.77 14.56 18.68
N GLY A 178 13.91 15.20 17.52
CA GLY A 178 15.12 15.06 16.72
C GLY A 178 16.09 16.19 17.04
N ASN A 179 17.37 15.85 17.06
CA ASN A 179 18.40 16.78 17.52
C ASN A 179 19.74 16.33 16.95
N ILE A 180 20.31 17.12 16.05
CA ILE A 180 21.47 16.73 15.25
C ILE A 180 22.63 17.67 15.56
N LYS A 181 23.75 17.11 16.00
CA LYS A 181 24.99 17.87 16.10
C LYS A 181 25.79 17.78 14.81
N LEU A 182 26.70 18.74 14.64
CA LEU A 182 27.68 18.73 13.56
C LEU A 182 28.96 19.37 14.09
N SER A 183 30.01 18.57 14.24
CA SER A 183 31.28 19.09 14.73
C SER A 183 31.97 19.91 13.65
N GLN A 184 32.49 21.08 14.04
CA GLN A 184 33.09 21.99 13.07
C GLN A 184 34.48 21.52 12.67
N THR A 185 34.57 20.85 11.52
CA THR A 185 35.85 20.38 11.00
C THR A 185 36.54 21.55 10.32
N SER A 186 37.57 22.09 10.96
CA SER A 186 38.26 23.30 10.49
C SER A 186 39.34 22.90 9.49
N ASN A 187 38.88 22.60 8.26
CA ASN A 187 39.71 22.31 7.07
C ASN A 187 40.64 21.12 7.26
N VAL A 188 40.20 20.13 8.03
CA VAL A 188 41.03 18.94 8.26
C VAL A 188 40.72 17.83 7.23
N ASP A 189 39.46 17.72 6.80
CA ASP A 189 39.07 16.80 5.75
C ASP A 189 39.09 17.53 4.40
N LYS A 190 38.44 16.94 3.40
CA LYS A 190 38.26 17.59 2.11
C LYS A 190 37.39 18.84 2.25
N GLU A 191 37.78 19.89 1.52
CA GLU A 191 37.14 21.20 1.63
C GLU A 191 35.72 21.22 1.08
N GLU A 192 35.34 20.26 0.23
CA GLU A 192 33.96 20.11 -0.18
C GLU A 192 33.11 19.40 0.86
N GLU A 193 33.74 18.79 1.88
CA GLU A 193 33.06 18.06 2.94
C GLU A 193 33.15 18.78 4.29
N ALA A 194 34.14 19.64 4.47
CA ALA A 194 34.38 20.29 5.75
C ALA A 194 33.33 21.36 6.05
N VAL A 195 32.92 21.44 7.31
CA VAL A 195 31.95 22.42 7.78
C VAL A 195 32.70 23.50 8.54
N THR A 196 32.66 24.73 8.04
CA THR A 196 33.30 25.88 8.66
C THR A 196 32.23 26.86 9.10
N ILE A 197 32.26 27.27 10.37
CA ILE A 197 31.29 28.20 10.91
C ILE A 197 32.05 29.44 11.41
N GLU A 198 31.49 30.62 11.15
CA GLU A 198 32.01 31.88 11.66
C GLU A 198 30.92 32.49 12.54
N MET A 199 31.16 32.54 13.84
CA MET A 199 30.16 32.95 14.82
C MET A 199 30.62 34.22 15.51
N ASN A 200 29.73 35.21 15.60
CA ASN A 200 29.96 36.42 16.38
C ASN A 200 29.10 36.45 17.64
N GLU A 201 27.79 36.28 17.52
CA GLU A 201 26.93 35.91 18.64
C GLU A 201 26.17 34.64 18.27
N PRO A 202 25.87 33.76 19.23
CA PRO A 202 25.14 32.53 18.92
C PRO A 202 23.68 32.81 18.53
N VAL A 203 23.22 32.09 17.51
CA VAL A 203 21.93 32.34 16.87
C VAL A 203 21.04 31.12 17.08
N GLN A 204 19.85 31.34 17.61
CA GLN A 204 18.88 30.28 17.89
C GLN A 204 17.56 30.69 17.24
N LEU A 205 17.22 30.07 16.12
CA LEU A 205 16.04 30.42 15.35
C LEU A 205 15.25 29.17 14.96
N THR A 206 13.99 29.40 14.61
CA THR A 206 13.05 28.34 14.23
C THR A 206 12.57 28.59 12.81
N PHE A 207 12.72 27.58 11.94
CA PHE A 207 12.30 27.68 10.55
C PHE A 207 11.42 26.50 10.17
N ALA A 208 10.63 26.69 9.11
CA ALA A 208 9.80 25.63 8.58
C ALA A 208 10.63 24.62 7.81
N LEU A 209 10.02 23.46 7.55
CA LEU A 209 10.74 22.36 6.92
C LEU A 209 10.23 21.97 5.54
N ARG A 210 8.98 22.32 5.20
CA ARG A 210 8.51 22.12 3.84
C ARG A 210 9.23 23.08 2.88
N TYR A 211 9.36 24.35 3.29
CA TYR A 211 10.12 25.32 2.53
C TYR A 211 11.61 24.99 2.53
N LEU A 212 12.12 24.37 3.60
CA LEU A 212 13.51 23.96 3.60
C LEU A 212 13.76 22.72 2.74
N ASN A 213 12.76 21.84 2.60
CA ASN A 213 12.84 20.76 1.61
C ASN A 213 12.85 21.31 0.19
N PHE A 214 12.02 22.33 -0.05
CA PHE A 214 12.01 23.03 -1.34
C PHE A 214 13.32 23.76 -1.60
N PHE A 215 13.99 24.23 -0.55
CA PHE A 215 15.31 24.85 -0.70
C PHE A 215 16.38 23.81 -0.98
N THR A 216 16.33 22.67 -0.28
CA THR A 216 17.38 21.66 -0.39
C THR A 216 17.16 20.71 -1.58
N LYS A 217 16.10 20.93 -2.36
CA LYS A 217 16.04 20.36 -3.70
C LYS A 217 17.11 20.91 -4.66
N ALA A 218 17.74 22.05 -4.34
CA ALA A 218 18.79 22.66 -5.15
C ALA A 218 20.16 22.00 -4.99
N THR A 219 20.31 21.05 -4.08
CA THR A 219 21.58 20.36 -3.82
C THR A 219 22.31 19.62 -4.96
N PRO A 220 21.70 19.21 -6.08
CA PRO A 220 22.54 18.82 -7.24
C PRO A 220 23.37 19.93 -7.87
N LEU A 221 23.07 21.21 -7.62
CA LEU A 221 23.80 22.31 -8.27
C LEU A 221 25.22 22.43 -7.75
N SER A 222 25.39 22.42 -6.43
CA SER A 222 26.68 22.66 -5.81
C SER A 222 26.96 21.57 -4.79
N SER A 223 28.23 21.50 -4.37
CA SER A 223 28.63 20.62 -3.29
C SER A 223 28.69 21.34 -1.95
N THR A 224 28.53 22.66 -1.93
CA THR A 224 28.58 23.46 -0.71
C THR A 224 27.31 24.28 -0.58
N VAL A 225 26.71 24.27 0.61
CA VAL A 225 25.56 25.10 0.94
C VAL A 225 26.00 26.11 1.99
N THR A 226 25.69 27.38 1.75
CA THR A 226 26.06 28.46 2.66
C THR A 226 24.81 28.92 3.40
N LEU A 227 24.72 28.58 4.68
CA LEU A 227 23.63 29.02 5.54
C LEU A 227 24.10 30.22 6.35
N SER A 228 23.41 31.35 6.18
CA SER A 228 23.76 32.59 6.87
C SER A 228 22.63 32.96 7.82
N MET A 229 22.97 33.14 9.10
CA MET A 229 21.97 33.37 10.15
C MET A 229 22.30 34.63 10.95
N SER A 230 21.26 35.40 11.27
CA SER A 230 21.33 36.49 12.22
C SER A 230 19.95 36.66 12.83
N ALA A 231 19.85 37.49 13.85
CA ALA A 231 18.63 37.59 14.64
C ALA A 231 17.53 38.34 13.90
N ASP A 232 16.39 37.66 13.73
CA ASP A 232 15.14 38.19 13.12
C ASP A 232 15.35 38.72 11.70
N VAL A 233 16.16 38.02 10.92
CA VAL A 233 16.34 38.32 9.50
C VAL A 233 15.93 37.06 8.74
N PRO A 234 15.64 37.19 7.43
CA PRO A 234 15.49 36.00 6.59
C PRO A 234 16.78 35.18 6.50
N LEU A 235 16.60 33.86 6.40
CA LEU A 235 17.72 32.93 6.33
C LEU A 235 18.21 32.79 4.90
N VAL A 236 19.49 33.06 4.67
CA VAL A 236 20.10 32.87 3.37
C VAL A 236 20.50 31.39 3.26
N VAL A 237 19.95 30.71 2.26
CA VAL A 237 20.41 29.37 1.92
C VAL A 237 21.05 29.49 0.54
N GLU A 238 22.37 29.68 0.51
CA GLU A 238 23.06 30.06 -0.71
C GLU A 238 23.70 28.84 -1.37
N TYR A 239 23.48 28.69 -2.66
CA TYR A 239 24.06 27.61 -3.45
C TYR A 239 25.03 28.23 -4.45
N LYS A 240 26.31 28.19 -4.12
CA LYS A 240 27.35 28.80 -4.96
C LYS A 240 27.61 27.90 -6.15
N ILE A 241 27.04 28.27 -7.30
CA ILE A 241 27.34 27.59 -8.56
C ILE A 241 28.79 27.89 -8.94
N ALA A 242 29.45 26.91 -9.57
CA ALA A 242 30.87 27.01 -9.93
C ALA A 242 31.12 28.08 -10.97
N ASP A 243 31.70 29.21 -10.51
CA ASP A 243 31.98 30.49 -11.18
C ASP A 243 30.87 30.99 -12.10
N MET A 244 29.61 30.79 -11.74
CA MET A 244 28.49 31.17 -12.58
C MET A 244 27.44 31.82 -11.68
N GLY A 245 27.89 32.73 -10.82
CA GLY A 245 27.00 33.38 -9.88
C GLY A 245 26.62 32.51 -8.71
N HIS A 246 25.38 32.62 -8.25
CA HIS A 246 24.93 31.88 -7.07
C HIS A 246 23.44 31.64 -7.17
N LEU A 247 22.86 31.08 -6.11
CA LEU A 247 21.41 30.94 -5.98
C LEU A 247 21.09 31.04 -4.49
N LYS A 248 20.38 32.10 -4.11
CA LYS A 248 20.08 32.38 -2.71
C LYS A 248 18.59 32.24 -2.46
N TYR A 249 18.24 31.57 -1.37
CA TYR A 249 16.87 31.49 -0.90
C TYR A 249 16.70 32.33 0.37
N TYR A 250 15.46 32.69 0.66
CA TYR A 250 15.14 33.48 1.84
C TYR A 250 13.94 32.87 2.54
N LEU A 251 13.97 32.86 3.88
CA LEU A 251 12.88 32.30 4.67
C LEU A 251 12.76 33.08 5.97
N ALA A 252 11.58 33.66 6.21
CA ALA A 252 11.32 34.31 7.49
C ALA A 252 11.21 33.25 8.58
N PRO A 253 11.68 33.56 9.80
CA PRO A 253 11.59 32.58 10.89
C PRO A 253 10.16 32.38 11.38
N LYS A 254 9.91 31.18 11.91
CA LYS A 254 8.58 30.80 12.36
C LYS A 254 8.25 31.45 13.69
N MET B 1 20.19 3.85 31.72
CA MET B 1 20.35 2.54 32.35
C MET B 1 20.36 1.41 31.32
N PHE B 2 19.75 1.65 30.18
CA PHE B 2 19.79 0.74 29.04
C PHE B 2 20.60 1.44 27.95
N GLU B 3 21.84 1.01 27.76
CA GLU B 3 22.71 1.55 26.72
C GLU B 3 23.09 0.42 25.79
N ALA B 4 22.69 0.53 24.52
CA ALA B 4 22.91 -0.52 23.52
C ALA B 4 23.59 0.11 22.32
N ARG B 5 24.92 0.16 22.37
CA ARG B 5 25.69 0.70 21.25
C ARG B 5 25.85 -0.39 20.20
N LEU B 6 25.37 -0.12 18.99
CA LEU B 6 25.42 -1.05 17.88
C LEU B 6 26.17 -0.37 16.74
N VAL B 7 27.28 -0.99 16.30
CA VAL B 7 28.13 -0.38 15.29
C VAL B 7 27.49 -0.47 13.91
N GLN B 8 27.11 -1.67 13.50
CA GLN B 8 26.48 -1.86 12.19
C GLN B 8 24.99 -1.53 12.39
N GLY B 9 24.65 -0.27 12.17
CA GLY B 9 23.28 0.19 12.34
C GLY B 9 22.36 -0.13 11.20
N SER B 10 22.92 -0.57 10.07
CA SER B 10 22.13 -1.03 8.93
C SER B 10 21.33 -2.28 9.25
N ILE B 11 21.80 -3.10 10.21
CA ILE B 11 21.05 -4.27 10.66
C ILE B 11 19.74 -3.87 11.32
N LEU B 12 19.80 -2.89 12.23
CA LEU B 12 18.58 -2.40 12.89
C LEU B 12 17.69 -1.61 11.95
N LYS B 13 18.30 -0.89 10.99
CA LYS B 13 17.55 -0.20 9.94
C LYS B 13 16.78 -1.17 9.06
N LYS B 14 17.41 -2.29 8.69
CA LYS B 14 16.76 -3.29 7.86
C LYS B 14 15.74 -4.10 8.64
N VAL B 15 15.94 -4.28 9.95
CA VAL B 15 14.94 -4.90 10.82
C VAL B 15 13.67 -4.05 10.88
N LEU B 16 13.81 -2.74 11.07
CA LEU B 16 12.61 -1.91 11.13
C LEU B 16 11.99 -1.67 9.75
N GLU B 17 12.80 -1.74 8.69
CA GLU B 17 12.24 -1.73 7.33
C GLU B 17 11.46 -3.01 7.05
N ALA B 18 11.89 -4.14 7.60
CA ALA B 18 11.13 -5.38 7.48
C ALA B 18 9.86 -5.34 8.33
N LEU B 19 9.94 -4.74 9.51
CA LEU B 19 8.87 -4.82 10.49
C LEU B 19 7.93 -3.63 10.46
N LYS B 20 8.11 -2.69 9.53
CA LYS B 20 7.29 -1.49 9.53
C LYS B 20 5.86 -1.72 9.00
N ASP B 21 5.65 -2.73 8.16
CA ASP B 21 4.36 -2.91 7.51
C ASP B 21 3.64 -4.18 7.89
N LEU B 22 4.35 -5.18 8.42
CA LEU B 22 3.67 -6.37 8.95
C LEU B 22 2.93 -6.04 10.24
N ILE B 23 3.68 -5.66 11.26
CA ILE B 23 3.11 -5.28 12.55
C ILE B 23 3.32 -3.78 12.75
N ASN B 24 2.32 -3.12 13.32
CA ASN B 24 2.32 -1.67 13.38
C ASN B 24 2.65 -1.14 14.78
N GLU B 25 2.61 -1.98 15.80
CA GLU B 25 2.89 -1.53 17.16
C GLU B 25 3.39 -2.74 17.93
N ALA B 26 4.66 -2.72 18.34
CA ALA B 26 5.28 -3.86 18.98
C ALA B 26 5.92 -3.47 20.30
N CYS B 27 6.00 -4.45 21.19
CA CYS B 27 6.61 -4.28 22.52
C CYS B 27 7.94 -4.99 22.53
N TRP B 28 9.03 -4.22 22.60
CA TRP B 28 10.37 -4.78 22.60
C TRP B 28 10.68 -5.30 23.99
N ASP B 29 11.03 -6.58 24.10
CA ASP B 29 11.36 -7.20 25.38
C ASP B 29 12.87 -7.12 25.57
N ILE B 30 13.32 -6.09 26.29
CA ILE B 30 14.74 -5.90 26.56
C ILE B 30 15.09 -6.62 27.85
N SER B 31 16.00 -7.57 27.76
CA SER B 31 16.58 -8.23 28.93
C SER B 31 18.08 -7.98 28.94
N SER B 32 18.77 -8.59 29.90
CA SER B 32 20.23 -8.54 29.92
C SER B 32 20.84 -9.50 28.90
N SER B 33 20.08 -10.48 28.42
CA SER B 33 20.56 -11.39 27.39
C SER B 33 20.55 -10.75 26.02
N GLY B 34 19.75 -9.71 25.83
CA GLY B 34 19.70 -9.03 24.56
C GLY B 34 18.31 -8.52 24.25
N VAL B 35 18.21 -7.74 23.19
CA VAL B 35 16.96 -7.12 22.78
C VAL B 35 16.11 -8.16 22.04
N ASN B 36 14.90 -8.39 22.53
CA ASN B 36 14.00 -9.37 21.95
C ASN B 36 12.68 -8.73 21.57
N LEU B 37 11.96 -9.39 20.67
CA LEU B 37 10.64 -8.95 20.23
C LEU B 37 9.80 -10.17 19.94
N GLN B 38 8.53 -10.12 20.36
CA GLN B 38 7.61 -11.25 20.15
C GLN B 38 6.21 -10.64 20.03
N SER B 39 5.79 -10.37 18.78
CA SER B 39 4.55 -9.65 18.55
C SER B 39 3.80 -10.25 17.37
N MET B 40 2.47 -10.31 17.49
CA MET B 40 1.62 -10.88 16.46
C MET B 40 1.10 -9.79 15.52
N ASP B 41 0.63 -10.23 14.36
CA ASP B 41 -0.10 -9.41 13.41
C ASP B 41 -1.44 -8.99 14.00
N SER B 42 -1.98 -7.86 13.49
CA SER B 42 -3.28 -7.37 13.94
C SER B 42 -4.42 -8.27 13.50
N SER B 43 -4.25 -9.00 12.40
CA SER B 43 -5.22 -10.00 11.95
C SER B 43 -4.91 -11.39 12.50
N HIS B 44 -3.92 -11.50 13.41
CA HIS B 44 -3.56 -12.71 14.17
C HIS B 44 -3.12 -13.86 13.27
N VAL B 45 -2.44 -13.55 12.16
CA VAL B 45 -1.93 -14.57 11.26
C VAL B 45 -0.43 -14.76 11.41
N SER B 46 0.31 -13.66 11.45
CA SER B 46 1.76 -13.68 11.45
C SER B 46 2.30 -13.30 12.81
N LEU B 47 3.46 -13.87 13.15
CA LEU B 47 4.14 -13.59 14.40
C LEU B 47 5.59 -13.28 14.12
N VAL B 48 6.08 -12.19 14.71
CA VAL B 48 7.44 -11.74 14.50
C VAL B 48 8.21 -12.05 15.78
N GLN B 49 8.91 -13.18 15.80
CA GLN B 49 9.78 -13.55 16.91
C GLN B 49 11.18 -13.08 16.57
N LEU B 50 11.54 -11.90 17.06
CA LEU B 50 12.82 -11.28 16.77
C LEU B 50 13.69 -11.30 18.02
N THR B 51 14.94 -11.73 17.86
CA THR B 51 15.92 -11.61 18.93
C THR B 51 17.19 -10.94 18.39
N LEU B 52 17.85 -10.20 19.27
CA LEU B 52 19.14 -9.59 18.99
C LEU B 52 19.99 -9.79 20.23
N ARG B 53 20.92 -10.74 20.17
CA ARG B 53 21.66 -11.15 21.35
C ARG B 53 22.72 -10.11 21.73
N SER B 54 23.18 -10.20 22.98
CA SER B 54 24.08 -9.22 23.55
C SER B 54 25.53 -9.39 23.09
N GLU B 55 25.88 -10.51 22.47
CA GLU B 55 27.26 -10.72 22.03
C GLU B 55 27.61 -9.88 20.81
N GLY B 56 26.66 -9.71 19.89
CA GLY B 56 26.92 -8.91 18.70
C GLY B 56 26.89 -7.42 18.92
N PHE B 57 26.27 -6.95 20.00
CA PHE B 57 26.27 -5.53 20.33
C PHE B 57 27.65 -5.12 20.83
N ASP B 58 28.07 -3.91 20.46
CA ASP B 58 29.41 -3.45 20.82
C ASP B 58 29.49 -3.07 22.30
N THR B 59 28.46 -2.40 22.82
CA THR B 59 28.39 -2.03 24.24
C THR B 59 26.94 -2.18 24.65
N TYR B 60 26.64 -3.27 25.36
CA TYR B 60 25.28 -3.58 25.78
C TYR B 60 25.24 -3.73 27.30
N ARG B 61 24.34 -2.98 27.93
CA ARG B 61 24.11 -3.12 29.36
C ARG B 61 22.67 -2.73 29.67
N CYS B 62 22.04 -3.49 30.57
CA CYS B 62 20.70 -3.17 31.04
C CYS B 62 20.56 -3.71 32.45
N ASP B 63 20.11 -2.85 33.37
CA ASP B 63 20.11 -3.20 34.79
C ASP B 63 18.98 -4.16 35.14
N ARG B 64 17.81 -4.00 34.54
CA ARG B 64 16.66 -4.84 34.82
C ARG B 64 15.96 -5.19 33.51
N ASN B 65 14.97 -6.08 33.61
CA ASN B 65 14.15 -6.42 32.44
C ASN B 65 13.21 -5.27 32.12
N LEU B 66 13.22 -4.85 30.85
CA LEU B 66 12.45 -3.69 30.42
C LEU B 66 11.59 -4.09 29.24
N ALA B 67 10.43 -3.45 29.13
CA ALA B 67 9.50 -3.69 28.02
C ALA B 67 8.89 -2.34 27.63
N MET B 68 9.46 -1.70 26.61
CA MET B 68 8.89 -0.46 26.10
C MET B 68 7.89 -0.78 24.99
N GLY B 69 6.94 0.13 24.81
CA GLY B 69 5.97 0.01 23.75
C GLY B 69 6.25 0.98 22.62
N VAL B 70 6.53 0.47 21.43
CA VAL B 70 7.06 1.26 20.33
C VAL B 70 6.13 1.15 19.13
N ASN B 71 5.67 2.30 18.63
CA ASN B 71 5.10 2.40 17.29
C ASN B 71 6.19 2.11 16.28
N LEU B 72 6.09 0.98 15.57
CA LEU B 72 7.15 0.57 14.65
C LEU B 72 7.17 1.36 13.36
N THR B 73 6.03 1.94 12.96
CA THR B 73 6.03 2.90 11.85
C THR B 73 6.81 4.14 12.23
N SER B 74 6.65 4.59 13.48
CA SER B 74 7.42 5.72 14.00
C SER B 74 8.90 5.38 14.15
N MET B 75 9.21 4.14 14.55
CA MET B 75 10.62 3.79 14.71
C MET B 75 11.30 3.57 13.37
N SER B 76 10.55 3.12 12.35
CA SER B 76 11.09 3.08 11.00
C SER B 76 11.28 4.48 10.43
N LYS B 77 10.34 5.39 10.72
CA LYS B 77 10.46 6.77 10.24
C LYS B 77 11.57 7.54 10.94
N ILE B 78 11.97 7.16 12.14
CA ILE B 78 13.09 7.81 12.79
C ILE B 78 14.41 7.06 12.52
N LEU B 79 14.35 5.77 12.15
CA LEU B 79 15.54 5.03 11.79
C LEU B 79 15.90 5.16 10.32
N LYS B 80 15.02 5.73 9.49
CA LYS B 80 15.42 6.14 8.15
C LYS B 80 16.27 7.40 8.14
N CYS B 81 16.35 8.12 9.26
CA CYS B 81 17.23 9.26 9.37
C CYS B 81 18.71 8.84 9.39
N ALA B 82 19.00 7.70 10.00
CA ALA B 82 20.37 7.21 10.05
C ALA B 82 20.78 6.63 8.71
N GLY B 83 22.06 6.78 8.37
CA GLY B 83 22.60 6.19 7.17
C GLY B 83 22.95 4.73 7.37
N ASN B 84 23.52 4.14 6.32
CA ASN B 84 23.81 2.70 6.31
C ASN B 84 25.06 2.34 7.09
N GLU B 85 25.84 3.32 7.55
CA GLU B 85 27.07 3.03 8.30
C GLU B 85 27.11 3.76 9.63
N ASP B 86 25.96 4.25 10.12
CA ASP B 86 25.91 4.93 11.40
C ASP B 86 26.03 3.94 12.55
N ILE B 87 26.77 4.32 13.58
CA ILE B 87 26.77 3.59 14.85
C ILE B 87 25.53 4.02 15.62
N ILE B 88 24.61 3.10 15.86
CA ILE B 88 23.32 3.39 16.45
C ILE B 88 23.35 2.98 17.91
N THR B 89 23.11 3.95 18.79
CA THR B 89 23.11 3.72 20.23
C THR B 89 21.68 3.89 20.75
N LEU B 90 21.15 2.85 21.38
CA LEU B 90 19.82 2.91 21.97
C LEU B 90 19.95 3.28 23.44
N ARG B 91 19.27 4.36 23.84
CA ARG B 91 19.35 4.85 25.21
C ARG B 91 17.96 4.95 25.81
N ALA B 92 17.76 4.27 26.93
CA ALA B 92 16.54 4.37 27.72
C ALA B 92 16.91 4.48 29.19
N GLU B 93 16.12 5.24 29.94
CA GLU B 93 16.43 5.56 31.32
C GLU B 93 15.35 5.00 32.26
N ASP B 94 15.43 5.39 33.53
CA ASP B 94 14.46 4.97 34.53
C ASP B 94 13.12 5.66 34.28
N ASN B 95 12.05 4.85 34.29
CA ASN B 95 10.68 5.22 33.88
C ASN B 95 10.67 5.87 32.49
N ALA B 96 11.10 5.05 31.53
CA ALA B 96 11.34 5.51 30.16
C ALA B 96 10.02 5.77 29.45
N ASP B 97 9.65 7.06 29.36
CA ASP B 97 8.58 7.48 28.46
C ASP B 97 9.11 7.75 27.06
N THR B 98 10.42 7.86 26.91
CA THR B 98 11.05 8.08 25.61
C THR B 98 12.26 7.19 25.44
N LEU B 99 12.60 6.91 24.18
CA LEU B 99 13.79 6.14 23.83
C LEU B 99 14.69 7.01 22.97
N ALA B 100 15.95 7.12 23.37
CA ALA B 100 16.90 7.99 22.68
C ALA B 100 17.76 7.17 21.72
N LEU B 101 17.76 7.57 20.45
CA LEU B 101 18.54 6.92 19.41
C LEU B 101 19.65 7.87 19.00
N VAL B 102 20.90 7.44 19.16
CA VAL B 102 22.07 8.26 18.87
C VAL B 102 22.75 7.69 17.63
N PHE B 103 22.80 8.49 16.56
CA PHE B 103 23.42 8.07 15.31
C PHE B 103 24.71 8.86 15.14
N GLU B 104 25.85 8.20 15.34
CA GLU B 104 27.16 8.84 15.19
C GLU B 104 27.86 8.19 14.00
N ALA B 105 28.06 8.96 12.94
CA ALA B 105 28.79 8.46 11.79
C ALA B 105 30.28 8.41 12.10
N PRO B 106 31.00 7.33 11.72
CA PRO B 106 32.42 7.22 12.10
C PRO B 106 33.34 8.17 11.36
N ASN B 107 33.26 8.22 10.02
CA ASN B 107 34.10 9.10 9.24
C ASN B 107 33.59 10.54 9.23
N GLN B 108 32.31 10.75 9.50
CA GLN B 108 31.71 12.06 9.49
C GLN B 108 31.57 12.56 10.93
N GLU B 109 30.87 13.69 11.10
CA GLU B 109 30.81 14.38 12.37
C GLU B 109 29.38 14.53 12.90
N LYS B 110 28.41 13.88 12.27
CA LYS B 110 27.00 14.01 12.67
C LYS B 110 26.75 13.17 13.91
N VAL B 111 26.55 13.83 15.05
CA VAL B 111 26.10 13.17 16.27
C VAL B 111 24.58 13.40 16.32
N SER B 112 23.84 12.48 15.72
CA SER B 112 22.41 12.65 15.49
C SER B 112 21.64 12.04 16.68
N ASP B 113 21.50 12.84 17.73
CA ASP B 113 20.88 12.39 18.98
C ASP B 113 19.37 12.57 18.87
N TYR B 114 18.69 11.61 18.27
CA TYR B 114 17.23 11.61 18.21
C TYR B 114 16.62 11.00 19.47
N GLU B 115 15.35 11.35 19.70
CA GLU B 115 14.53 10.77 20.75
C GLU B 115 13.18 10.42 20.15
N MET B 116 12.51 9.43 20.72
CA MET B 116 11.23 8.95 20.21
C MET B 116 10.29 8.68 21.37
N LYS B 117 9.09 9.27 21.30
CA LYS B 117 8.07 9.04 22.32
C LYS B 117 7.50 7.63 22.18
N LEU B 118 7.34 6.95 23.31
CA LEU B 118 6.92 5.55 23.30
C LEU B 118 5.39 5.47 23.32
N MET B 119 4.86 4.26 23.49
CA MET B 119 3.43 4.01 23.40
C MET B 119 2.96 3.21 24.62
N ASP B 120 1.67 3.35 24.92
CA ASP B 120 1.03 2.62 26.02
C ASP B 120 0.41 1.31 25.50
N LEU B 121 1.30 0.38 25.15
CA LEU B 121 0.95 -0.84 24.45
C LEU B 121 0.98 -2.02 25.41
N ASP B 122 -0.06 -2.86 25.38
CA ASP B 122 -0.13 -4.09 26.15
C ASP B 122 -0.44 -5.23 25.18
N VAL B 123 0.57 -6.00 24.79
CA VAL B 123 0.40 -7.18 23.97
C VAL B 123 0.79 -8.41 24.76
N GLU B 124 0.65 -9.57 24.12
CA GLU B 124 0.89 -10.86 24.77
C GLU B 124 2.12 -11.54 24.20
N GLN B 125 2.83 -12.28 25.06
CA GLN B 125 3.98 -13.07 24.68
C GLN B 125 3.55 -14.53 24.64
N LEU B 126 3.97 -15.24 23.60
CA LEU B 126 3.57 -16.62 23.41
C LEU B 126 4.77 -17.56 23.47
N GLY B 127 4.59 -18.66 24.22
CA GLY B 127 5.63 -19.66 24.33
C GLY B 127 5.70 -20.52 23.09
N ILE B 128 6.86 -20.50 22.42
CA ILE B 128 7.08 -21.29 21.21
C ILE B 128 7.82 -22.56 21.61
N PRO B 129 7.25 -23.74 21.39
CA PRO B 129 8.00 -24.97 21.66
C PRO B 129 9.07 -25.19 20.62
N GLU B 130 10.18 -25.79 21.05
CA GLU B 130 11.32 -26.08 20.17
C GLU B 130 11.01 -27.36 19.42
N GLN B 131 10.20 -27.22 18.36
CA GLN B 131 9.73 -28.37 17.62
C GLN B 131 10.78 -28.83 16.61
N GLU B 132 10.80 -30.12 16.34
CA GLU B 132 11.65 -30.71 15.31
C GLU B 132 10.88 -30.66 14.01
N TYR B 133 11.21 -29.69 13.15
CA TYR B 133 10.50 -29.52 11.90
C TYR B 133 10.97 -30.56 10.88
N SER B 134 10.00 -31.12 10.14
CA SER B 134 10.30 -32.25 9.25
C SER B 134 11.05 -31.80 8.01
N CYS B 135 10.50 -30.83 7.28
CA CYS B 135 11.12 -30.33 6.05
C CYS B 135 11.64 -28.92 6.33
N VAL B 136 12.96 -28.78 6.36
CA VAL B 136 13.64 -27.51 6.62
C VAL B 136 14.41 -27.12 5.37
N VAL B 137 14.04 -25.99 4.77
CA VAL B 137 14.56 -25.59 3.47
C VAL B 137 15.43 -24.35 3.68
N LYS B 138 16.74 -24.52 3.62
CA LYS B 138 17.68 -23.41 3.62
C LYS B 138 18.00 -23.04 2.18
N MET B 139 17.69 -21.81 1.78
CA MET B 139 17.70 -21.43 0.38
C MET B 139 17.87 -19.91 0.31
N PRO B 140 18.39 -19.36 -0.82
CA PRO B 140 18.71 -17.92 -0.87
C PRO B 140 17.53 -16.96 -0.73
N SER B 141 17.82 -15.83 -0.09
CA SER B 141 16.78 -14.90 0.34
C SER B 141 16.19 -14.10 -0.80
N GLY B 142 17.03 -13.62 -1.72
CA GLY B 142 16.52 -12.89 -2.88
C GLY B 142 15.76 -13.79 -3.83
N GLU B 143 16.11 -15.07 -3.87
CA GLU B 143 15.32 -16.07 -4.58
C GLU B 143 13.94 -16.24 -3.92
N PHE B 144 13.89 -16.17 -2.58
CA PHE B 144 12.61 -16.28 -1.88
C PHE B 144 11.75 -15.04 -2.11
N ALA B 145 12.38 -13.86 -2.18
CA ALA B 145 11.66 -12.63 -2.49
C ALA B 145 11.13 -12.64 -3.93
N ARG B 146 11.92 -13.19 -4.86
CA ARG B 146 11.48 -13.33 -6.25
C ARG B 146 10.32 -14.31 -6.35
N ILE B 147 10.39 -15.43 -5.61
CA ILE B 147 9.33 -16.44 -5.63
C ILE B 147 8.03 -15.89 -5.03
N CYS B 148 8.14 -15.18 -3.90
CA CYS B 148 6.95 -14.66 -3.23
C CYS B 148 6.31 -13.51 -4.01
N ARG B 149 7.12 -12.61 -4.58
CA ARG B 149 6.57 -11.52 -5.39
C ARG B 149 5.98 -12.02 -6.70
N ASP B 150 6.68 -12.94 -7.36
CA ASP B 150 6.24 -13.41 -8.66
C ASP B 150 5.15 -14.48 -8.57
N LEU B 151 4.86 -15.01 -7.39
CA LEU B 151 3.65 -15.79 -7.21
C LEU B 151 2.52 -14.99 -6.60
N SER B 152 2.82 -13.85 -5.95
CA SER B 152 1.78 -12.90 -5.58
C SER B 152 1.27 -12.11 -6.78
N HIS B 153 2.04 -12.08 -7.87
CA HIS B 153 1.52 -11.55 -9.13
C HIS B 153 0.38 -12.39 -9.69
N ILE B 154 0.34 -13.69 -9.38
CA ILE B 154 -0.72 -14.56 -9.90
C ILE B 154 -1.93 -14.55 -8.98
N GLY B 155 -1.74 -15.02 -7.75
CA GLY B 155 -2.87 -15.21 -6.85
C GLY B 155 -2.61 -14.76 -5.42
N ASP B 156 -3.32 -15.36 -4.48
CA ASP B 156 -3.21 -15.02 -3.08
C ASP B 156 -2.79 -16.18 -2.19
N ALA B 157 -2.48 -17.34 -2.78
CA ALA B 157 -2.08 -18.51 -2.00
C ALA B 157 -0.95 -19.24 -2.72
N VAL B 158 0.06 -19.65 -1.95
CA VAL B 158 1.15 -20.49 -2.45
C VAL B 158 1.04 -21.84 -1.75
N VAL B 159 0.92 -22.90 -2.52
CA VAL B 159 0.82 -24.25 -1.99
C VAL B 159 2.24 -24.83 -2.04
N ILE B 160 2.95 -24.74 -0.92
CA ILE B 160 4.34 -25.20 -0.85
C ILE B 160 4.35 -26.71 -0.74
N SER B 161 5.00 -27.37 -1.70
CA SER B 161 5.19 -28.81 -1.69
C SER B 161 6.66 -29.12 -1.50
N CYS B 162 6.97 -30.01 -0.56
CA CYS B 162 8.33 -30.37 -0.23
C CYS B 162 8.54 -31.87 -0.43
N ALA B 163 9.71 -32.23 -0.98
CA ALA B 163 10.06 -33.61 -1.21
C ALA B 163 11.58 -33.74 -1.14
N LYS B 164 12.10 -34.92 -1.50
CA LYS B 164 13.53 -35.15 -1.43
C LYS B 164 14.27 -34.47 -2.58
N ASP B 165 13.68 -34.47 -3.77
CA ASP B 165 14.35 -33.89 -4.93
C ASP B 165 14.34 -32.36 -4.90
N GLY B 166 13.35 -31.77 -4.23
CA GLY B 166 13.32 -30.32 -4.13
C GLY B 166 11.99 -29.84 -3.60
N VAL B 167 11.93 -28.53 -3.38
CA VAL B 167 10.74 -27.85 -2.89
C VAL B 167 10.02 -27.21 -4.07
N LYS B 168 8.70 -27.33 -4.10
CA LYS B 168 7.88 -26.83 -5.21
C LYS B 168 6.93 -25.76 -4.67
N PHE B 169 6.96 -24.59 -5.28
CA PHE B 169 6.11 -23.46 -4.90
C PHE B 169 5.02 -23.32 -5.96
N SER B 170 3.84 -23.86 -5.68
CA SER B 170 2.72 -23.80 -6.61
C SER B 170 1.72 -22.76 -6.13
N ALA B 171 1.26 -21.91 -7.05
CA ALA B 171 0.32 -20.84 -6.73
C ALA B 171 -0.79 -20.84 -7.76
N SER B 172 -2.00 -21.19 -7.34
CA SER B 172 -3.16 -21.23 -8.21
C SER B 172 -3.88 -19.89 -8.17
N GLY B 173 -4.08 -19.28 -9.34
CA GLY B 173 -4.73 -17.99 -9.40
C GLY B 173 -5.65 -17.83 -10.59
N GLU B 174 -6.12 -16.61 -10.83
CA GLU B 174 -7.06 -16.36 -11.91
C GLU B 174 -6.35 -16.33 -13.26
N LEU B 175 -5.08 -15.92 -13.28
CA LEU B 175 -4.30 -15.96 -14.52
C LEU B 175 -3.98 -17.41 -14.91
N GLY B 176 -3.51 -18.20 -13.97
CA GLY B 176 -3.12 -19.56 -14.26
C GLY B 176 -2.51 -20.22 -13.06
N ASN B 177 -1.68 -21.23 -13.32
CA ASN B 177 -1.02 -22.00 -12.26
C ASN B 177 0.48 -21.86 -12.42
N GLY B 178 1.13 -21.27 -11.42
CA GLY B 178 2.57 -21.10 -11.46
C GLY B 178 3.30 -22.04 -10.53
N ASN B 179 3.92 -23.08 -11.08
CA ASN B 179 4.61 -24.10 -10.29
C ASN B 179 6.11 -23.81 -10.34
N ILE B 180 6.60 -23.05 -9.37
CA ILE B 180 8.03 -22.79 -9.24
C ILE B 180 8.63 -23.99 -8.52
N LYS B 181 9.51 -24.72 -9.20
CA LYS B 181 10.20 -25.85 -8.62
C LYS B 181 11.65 -25.49 -8.33
N LEU B 182 12.23 -26.13 -7.33
CA LEU B 182 13.61 -25.90 -6.94
C LEU B 182 14.32 -27.24 -6.90
N SER B 183 15.63 -27.22 -7.08
CA SER B 183 16.41 -28.44 -6.98
C SER B 183 17.34 -28.38 -5.77
N GLN B 184 17.66 -29.55 -5.22
CA GLN B 184 18.64 -29.68 -4.16
C GLN B 184 20.02 -29.36 -4.69
N THR B 185 20.64 -28.29 -4.17
CA THR B 185 21.88 -27.76 -4.72
C THR B 185 22.96 -27.86 -3.64
N SER B 186 23.08 -29.05 -3.05
CA SER B 186 24.20 -29.34 -2.18
C SER B 186 25.31 -30.09 -2.91
N ASN B 187 25.00 -30.68 -4.06
CA ASN B 187 26.03 -31.33 -4.87
C ASN B 187 26.92 -30.30 -5.56
N VAL B 188 26.33 -29.23 -6.08
CA VAL B 188 27.08 -28.17 -6.72
C VAL B 188 27.44 -27.13 -5.65
N ASP B 189 28.73 -26.90 -5.49
CA ASP B 189 29.22 -26.01 -4.43
C ASP B 189 29.05 -24.56 -4.86
N LYS B 190 28.24 -23.81 -4.11
CA LYS B 190 28.10 -22.37 -4.28
C LYS B 190 28.21 -21.72 -2.92
N GLU B 191 28.65 -20.46 -2.90
CA GLU B 191 28.89 -19.78 -1.63
C GLU B 191 27.59 -19.36 -0.95
N GLU B 192 26.59 -18.92 -1.72
CA GLU B 192 25.29 -18.58 -1.17
C GLU B 192 24.11 -19.05 -2.00
N GLU B 193 24.31 -19.53 -3.23
CA GLU B 193 23.21 -20.00 -4.07
C GLU B 193 23.06 -21.51 -3.88
N ALA B 194 22.61 -21.89 -2.68
CA ALA B 194 22.48 -23.29 -2.29
C ALA B 194 21.10 -23.50 -1.69
N VAL B 195 20.34 -24.42 -2.27
CA VAL B 195 19.04 -24.81 -1.74
C VAL B 195 19.27 -26.10 -0.96
N THR B 196 19.54 -25.96 0.33
CA THR B 196 19.79 -27.10 1.22
C THR B 196 18.48 -27.47 1.90
N ILE B 197 17.97 -28.66 1.58
CA ILE B 197 16.69 -29.13 2.10
C ILE B 197 16.94 -30.34 2.98
N GLU B 198 16.53 -30.26 4.24
CA GLU B 198 16.60 -31.36 5.18
C GLU B 198 15.16 -31.84 5.42
N MET B 199 14.78 -32.90 4.73
CA MET B 199 13.40 -33.38 4.71
C MET B 199 13.29 -34.66 5.52
N ASN B 200 12.24 -34.73 6.34
CA ASN B 200 11.89 -35.94 7.08
C ASN B 200 10.58 -36.54 6.59
N GLU B 201 9.54 -35.72 6.42
CA GLU B 201 8.27 -36.13 5.87
C GLU B 201 7.90 -35.20 4.72
N PRO B 202 7.32 -35.73 3.62
CA PRO B 202 6.90 -34.86 2.52
C PRO B 202 5.66 -34.05 2.87
N VAL B 203 5.83 -32.76 3.11
CA VAL B 203 4.75 -31.90 3.54
C VAL B 203 4.21 -31.13 2.35
N GLN B 204 2.93 -30.74 2.46
CA GLN B 204 2.24 -30.12 1.33
C GLN B 204 1.21 -29.15 1.94
N LEU B 205 1.61 -27.89 2.08
CA LEU B 205 0.82 -26.91 2.82
C LEU B 205 0.63 -25.64 2.01
N THR B 206 -0.43 -24.92 2.33
CA THR B 206 -0.84 -23.72 1.61
C THR B 206 -0.68 -22.51 2.53
N PHE B 207 -0.05 -21.45 2.03
CA PHE B 207 0.19 -20.25 2.82
C PHE B 207 -0.22 -19.01 2.02
N ALA B 208 -0.49 -17.93 2.74
CA ALA B 208 -0.93 -16.69 2.13
C ALA B 208 0.25 -15.97 1.50
N LEU B 209 -0.07 -14.96 0.69
CA LEU B 209 0.93 -14.23 -0.08
C LEU B 209 1.13 -12.78 0.36
N ARG B 210 0.12 -12.16 0.97
CA ARG B 210 0.31 -10.85 1.58
C ARG B 210 1.29 -10.93 2.75
N TYR B 211 1.16 -11.96 3.57
CA TYR B 211 2.06 -12.14 4.70
C TYR B 211 3.44 -12.63 4.26
N LEU B 212 3.51 -13.39 3.17
CA LEU B 212 4.83 -13.77 2.64
C LEU B 212 5.53 -12.58 1.98
N ASN B 213 4.77 -11.68 1.35
CA ASN B 213 5.36 -10.45 0.83
C ASN B 213 5.77 -9.50 1.95
N PHE B 214 5.08 -9.56 3.09
CA PHE B 214 5.56 -8.85 4.27
C PHE B 214 6.80 -9.51 4.85
N PHE B 215 6.93 -10.83 4.70
CA PHE B 215 8.11 -11.54 5.20
C PHE B 215 9.34 -11.24 4.37
N THR B 216 9.18 -11.10 3.04
CA THR B 216 10.31 -10.95 2.14
C THR B 216 10.85 -9.51 2.05
N LYS B 217 10.48 -8.63 2.97
CA LYS B 217 11.16 -7.36 3.15
C LYS B 217 12.33 -7.47 4.12
N ALA B 218 12.55 -8.65 4.68
CA ALA B 218 13.71 -8.90 5.54
C ALA B 218 14.90 -9.44 4.76
N THR B 219 14.79 -9.54 3.45
CA THR B 219 15.87 -10.00 2.58
C THR B 219 17.20 -9.22 2.57
N PRO B 220 17.29 -7.90 2.87
CA PRO B 220 18.63 -7.34 3.06
C PRO B 220 19.30 -7.63 4.40
N LEU B 221 18.63 -8.31 5.34
CA LEU B 221 19.30 -8.69 6.58
C LEU B 221 20.34 -9.78 6.34
N SER B 222 19.97 -10.82 5.60
CA SER B 222 20.86 -11.92 5.34
C SER B 222 20.46 -12.56 4.02
N SER B 223 21.36 -13.37 3.47
CA SER B 223 21.10 -14.10 2.23
C SER B 223 20.54 -15.48 2.46
N THR B 224 20.25 -15.86 3.70
CA THR B 224 19.77 -17.19 4.04
C THR B 224 18.35 -17.11 4.57
N VAL B 225 17.44 -17.89 3.97
CA VAL B 225 16.08 -18.07 4.46
C VAL B 225 15.96 -19.53 4.87
N THR B 226 15.60 -19.78 6.13
CA THR B 226 15.49 -21.12 6.68
C THR B 226 14.00 -21.44 6.82
N LEU B 227 13.42 -22.02 5.77
CA LEU B 227 12.00 -22.35 5.73
C LEU B 227 11.76 -23.62 6.53
N SER B 228 11.44 -23.47 7.82
CA SER B 228 11.18 -24.60 8.70
C SER B 228 9.68 -24.80 8.82
N MET B 229 9.21 -26.02 8.53
CA MET B 229 7.79 -26.32 8.44
C MET B 229 7.56 -27.82 8.58
N SER B 230 6.32 -28.17 8.89
CA SER B 230 5.89 -29.56 9.00
C SER B 230 4.41 -29.64 8.68
N ALA B 231 3.87 -30.86 8.71
CA ALA B 231 2.46 -31.06 8.43
C ALA B 231 1.62 -30.57 9.59
N ASP B 232 0.60 -29.75 9.28
CA ASP B 232 -0.24 -28.90 10.14
C ASP B 232 0.52 -28.21 11.26
N VAL B 233 1.72 -27.71 10.95
CA VAL B 233 2.59 -26.96 11.85
C VAL B 233 2.87 -25.65 11.12
N PRO B 234 2.85 -24.50 11.81
CA PRO B 234 3.10 -23.21 11.13
C PRO B 234 4.51 -23.06 10.60
N LEU B 235 4.61 -22.36 9.47
CA LEU B 235 5.88 -22.15 8.78
C LEU B 235 6.75 -21.17 9.54
N VAL B 236 8.04 -21.49 9.62
CA VAL B 236 9.03 -20.61 10.23
C VAL B 236 9.90 -20.06 9.12
N VAL B 237 9.96 -18.73 9.00
CA VAL B 237 10.83 -18.10 8.03
C VAL B 237 11.91 -17.38 8.83
N GLU B 238 13.07 -18.00 8.96
CA GLU B 238 14.12 -17.51 9.85
C GLU B 238 15.18 -16.78 9.05
N TYR B 239 15.44 -15.53 9.43
CA TYR B 239 16.51 -14.73 8.84
C TYR B 239 17.66 -14.69 9.84
N LYS B 240 18.62 -15.60 9.65
CA LYS B 240 19.74 -15.73 10.56
C LYS B 240 20.72 -14.59 10.31
N ILE B 241 20.71 -13.60 11.20
CA ILE B 241 21.68 -12.52 11.15
C ILE B 241 23.02 -13.07 11.63
N ALA B 242 24.08 -12.80 10.86
CA ALA B 242 25.41 -13.31 11.20
C ALA B 242 26.01 -12.62 12.42
N ASP B 243 25.57 -11.39 12.72
CA ASP B 243 26.13 -10.68 13.86
C ASP B 243 25.50 -11.16 15.17
N MET B 244 24.20 -10.95 15.34
CA MET B 244 23.52 -11.38 16.56
C MET B 244 22.08 -11.73 16.23
N GLY B 245 21.54 -12.71 16.96
CA GLY B 245 20.15 -13.11 16.91
C GLY B 245 19.70 -13.71 15.58
N HIS B 246 18.37 -13.83 15.45
CA HIS B 246 17.74 -14.27 14.23
C HIS B 246 16.32 -13.73 14.19
N LEU B 247 15.91 -13.25 13.02
CA LEU B 247 14.55 -12.76 12.82
C LEU B 247 13.70 -13.93 12.32
N LYS B 248 12.89 -14.48 13.21
CA LYS B 248 12.02 -15.60 12.88
C LYS B 248 10.62 -15.08 12.57
N TYR B 249 10.09 -15.50 11.43
CA TYR B 249 8.76 -15.13 10.99
C TYR B 249 7.87 -16.37 11.02
N TYR B 250 6.74 -16.27 11.72
CA TYR B 250 5.81 -17.38 11.86
C TYR B 250 4.56 -17.10 11.03
N LEU B 251 4.00 -18.16 10.45
CA LEU B 251 2.85 -18.00 9.57
C LEU B 251 1.93 -19.21 9.69
N ALA B 252 0.67 -18.96 10.02
CA ALA B 252 -0.31 -20.04 10.12
C ALA B 252 -0.67 -20.55 8.72
N PRO B 253 -0.81 -21.86 8.55
CA PRO B 253 -1.16 -22.40 7.23
C PRO B 253 -2.62 -22.18 6.88
N LYS B 254 -2.89 -22.21 5.59
CA LYS B 254 -4.26 -22.14 5.08
C LYS B 254 -4.84 -23.54 5.01
N ILE B 255 -6.16 -23.63 5.23
CA ILE B 255 -6.84 -24.92 5.22
C ILE B 255 -7.76 -24.99 4.02
N GLY C 2 -31.02 -5.64 26.22
CA GLY C 2 -31.26 -4.21 26.29
C GLY C 2 -30.82 -3.59 27.60
N ILE C 3 -29.57 -3.15 27.64
CA ILE C 3 -28.93 -2.66 28.85
C ILE C 3 -28.65 -1.18 28.67
N GLN C 4 -29.08 -0.37 29.64
CA GLN C 4 -29.03 1.08 29.52
C GLN C 4 -27.61 1.56 29.81
N GLY C 5 -26.91 2.02 28.76
CA GLY C 5 -25.66 2.72 28.92
C GLY C 5 -24.47 1.89 29.29
N LEU C 6 -24.50 0.57 29.04
CA LEU C 6 -23.33 -0.25 29.33
C LEU C 6 -22.23 -0.07 28.30
N ALA C 7 -22.60 0.23 27.04
CA ALA C 7 -21.61 0.50 26.00
C ALA C 7 -20.87 1.80 26.28
N LYS C 8 -21.57 2.80 26.83
CA LYS C 8 -20.91 4.03 27.28
C LYS C 8 -20.01 3.77 28.48
N LEU C 9 -20.38 2.84 29.35
CA LEU C 9 -19.55 2.52 30.52
C LEU C 9 -18.28 1.79 30.11
N ILE C 10 -18.36 0.89 29.12
CA ILE C 10 -17.16 0.23 28.63
C ILE C 10 -16.30 1.21 27.84
N ALA C 11 -16.92 2.11 27.06
CA ALA C 11 -16.17 3.11 26.33
C ALA C 11 -15.57 4.20 27.22
N ASP C 12 -16.08 4.37 28.44
CA ASP C 12 -15.51 5.35 29.36
C ASP C 12 -14.50 4.73 30.31
N VAL C 13 -14.73 3.49 30.77
CA VAL C 13 -13.88 2.90 31.81
C VAL C 13 -12.72 2.16 31.18
N ALA C 14 -13.01 1.19 30.30
CA ALA C 14 -11.98 0.32 29.73
C ALA C 14 -12.04 0.32 28.20
N PRO C 15 -11.34 1.26 27.54
CA PRO C 15 -11.27 1.23 26.07
C PRO C 15 -10.48 0.06 25.50
N SER C 16 -9.64 -0.61 26.30
CA SER C 16 -8.88 -1.75 25.80
C SER C 16 -9.76 -2.99 25.62
N ALA C 17 -10.93 -3.04 26.25
CA ALA C 17 -11.84 -4.17 26.07
C ALA C 17 -12.55 -4.15 24.74
N ILE C 18 -12.60 -3.00 24.06
CA ILE C 18 -13.22 -2.88 22.75
C ILE C 18 -12.11 -2.89 21.70
N ARG C 19 -12.18 -3.84 20.78
CA ARG C 19 -11.24 -3.94 19.65
C ARG C 19 -12.04 -3.63 18.39
N GLU C 20 -11.97 -2.40 17.93
CA GLU C 20 -12.73 -1.97 16.75
C GLU C 20 -12.04 -2.50 15.51
N ASN C 21 -12.51 -3.63 15.01
CA ASN C 21 -11.93 -4.29 13.85
C ASN C 21 -12.79 -4.05 12.61
N ASP C 22 -12.38 -4.63 11.50
CA ASP C 22 -13.02 -4.45 10.22
C ASP C 22 -13.70 -5.79 9.86
N ILE C 23 -14.60 -5.75 8.88
CA ILE C 23 -15.49 -6.88 8.57
C ILE C 23 -14.72 -8.08 8.01
N LYS C 24 -13.57 -7.84 7.36
CA LYS C 24 -12.80 -8.95 6.80
C LYS C 24 -11.84 -9.60 7.79
N SER C 25 -11.72 -9.05 9.00
CA SER C 25 -10.77 -9.59 9.98
C SER C 25 -11.27 -10.86 10.64
N TYR C 26 -12.56 -11.15 10.57
CA TYR C 26 -13.15 -12.36 11.18
C TYR C 26 -13.36 -13.44 10.12
N PHE C 27 -12.27 -13.70 9.42
CA PHE C 27 -12.21 -14.55 8.24
C PHE C 27 -12.08 -16.03 8.54
N GLY C 28 -12.13 -16.45 9.80
CA GLY C 28 -12.15 -17.86 10.11
C GLY C 28 -13.02 -18.19 11.31
N ARG C 29 -13.75 -17.20 11.79
CA ARG C 29 -14.47 -17.31 13.05
C ARG C 29 -15.90 -17.79 12.83
N LYS C 30 -16.28 -18.85 13.54
CA LYS C 30 -17.69 -19.19 13.64
C LYS C 30 -18.37 -18.20 14.57
N VAL C 31 -19.47 -17.62 14.10
CA VAL C 31 -20.11 -16.47 14.76
C VAL C 31 -21.57 -16.78 15.00
N ALA C 32 -22.02 -16.66 16.25
CA ALA C 32 -23.43 -16.83 16.57
C ALA C 32 -24.13 -15.49 16.58
N ILE C 33 -25.21 -15.37 15.82
CA ILE C 33 -25.93 -14.12 15.65
C ILE C 33 -27.30 -14.23 16.31
N ASP C 34 -27.65 -13.25 17.13
CA ASP C 34 -29.03 -13.04 17.52
C ASP C 34 -29.80 -12.62 16.28
N ALA C 35 -30.67 -13.51 15.79
CA ALA C 35 -31.33 -13.28 14.51
C ALA C 35 -32.44 -12.23 14.59
N SER C 36 -32.97 -12.00 15.80
CA SER C 36 -34.06 -11.04 15.97
C SER C 36 -33.60 -9.60 15.78
N MET C 37 -32.35 -9.28 16.17
CA MET C 37 -31.78 -7.98 15.86
C MET C 37 -31.60 -7.78 14.36
N SER C 38 -31.25 -8.85 13.63
CA SER C 38 -31.10 -8.76 12.18
C SER C 38 -32.44 -8.54 11.50
N ILE C 39 -33.48 -9.28 11.91
CA ILE C 39 -34.81 -9.13 11.33
C ILE C 39 -35.40 -7.75 11.67
N TYR C 40 -35.14 -7.25 12.87
CA TYR C 40 -35.59 -5.89 13.21
C TYR C 40 -34.77 -4.81 12.51
N GLN C 41 -33.51 -5.11 12.16
CA GLN C 41 -32.71 -4.13 11.42
C GLN C 41 -33.14 -4.04 9.96
N PHE C 42 -33.51 -5.18 9.36
CA PHE C 42 -33.88 -5.18 7.96
C PHE C 42 -35.35 -4.86 7.70
N LEU C 43 -36.20 -4.92 8.72
CA LEU C 43 -37.60 -4.53 8.54
C LEU C 43 -37.85 -3.07 8.84
N ILE C 44 -36.82 -2.32 9.18
CA ILE C 44 -36.92 -0.89 9.46
C ILE C 44 -36.15 -0.07 8.44
N ALA C 45 -34.88 -0.44 8.19
CA ALA C 45 -34.03 0.34 7.30
C ALA C 45 -34.36 0.13 5.83
N VAL C 46 -34.80 -1.07 5.44
CA VAL C 46 -35.07 -1.37 4.04
C VAL C 46 -36.47 -0.83 3.73
N ARG C 47 -36.52 0.36 3.12
CA ARG C 47 -37.77 1.02 2.79
C ARG C 47 -37.52 1.92 1.58
N GLN C 48 -38.62 2.26 0.88
CA GLN C 48 -38.58 3.26 -0.19
C GLN C 48 -39.66 4.29 0.10
N GLY C 49 -39.37 5.25 0.98
CA GLY C 49 -40.24 6.37 1.28
C GLY C 49 -41.61 6.02 1.84
N GLY C 50 -41.67 5.15 2.84
CA GLY C 50 -42.95 4.62 3.24
C GLY C 50 -42.98 3.14 3.54
N ASP C 51 -43.71 2.39 2.71
CA ASP C 51 -44.04 1.00 2.98
C ASP C 51 -42.82 0.09 2.93
N VAL C 52 -42.91 -1.03 3.66
CA VAL C 52 -41.89 -2.06 3.65
C VAL C 52 -41.84 -2.71 2.26
N LEU C 53 -40.62 -2.99 1.79
CA LEU C 53 -40.37 -3.53 0.45
C LEU C 53 -40.95 -4.94 0.34
N GLN C 54 -42.08 -5.05 -0.35
CA GLN C 54 -42.88 -6.27 -0.43
C GLN C 54 -42.91 -6.77 -1.88
N ASN C 55 -43.65 -7.85 -2.09
CA ASN C 55 -43.97 -8.35 -3.41
C ASN C 55 -45.36 -7.84 -3.81
N GLU C 56 -45.89 -8.38 -4.91
CA GLU C 56 -47.25 -8.03 -5.30
C GLU C 56 -48.30 -8.88 -4.58
N GLU C 57 -47.89 -9.89 -3.81
CA GLU C 57 -48.84 -10.66 -3.01
C GLU C 57 -49.10 -10.04 -1.65
N GLY C 58 -48.43 -8.94 -1.30
CA GLY C 58 -48.58 -8.34 0.00
C GLY C 58 -47.84 -9.05 1.11
N GLU C 59 -46.76 -9.75 0.80
CA GLU C 59 -45.97 -10.48 1.79
C GLU C 59 -44.73 -9.67 2.14
N THR C 60 -44.49 -9.51 3.44
CA THR C 60 -43.34 -8.74 3.92
C THR C 60 -42.05 -9.53 3.71
N THR C 61 -41.14 -8.98 2.90
CA THR C 61 -39.95 -9.73 2.48
C THR C 61 -38.69 -8.87 2.46
N SER C 62 -38.64 -7.82 3.30
CA SER C 62 -37.42 -7.02 3.40
C SER C 62 -36.33 -7.76 4.15
N HIS C 63 -36.71 -8.55 5.16
CA HIS C 63 -35.74 -9.23 6.02
C HIS C 63 -35.01 -10.33 5.29
N LEU C 64 -35.69 -10.98 4.34
CA LEU C 64 -35.06 -12.06 3.56
C LEU C 64 -34.00 -11.50 2.61
N MET C 65 -34.30 -10.41 1.91
CA MET C 65 -33.34 -9.82 0.99
C MET C 65 -32.19 -9.16 1.74
N GLY C 66 -32.49 -8.54 2.88
CA GLY C 66 -31.43 -7.96 3.71
C GLY C 66 -30.50 -9.00 4.31
N MET C 67 -31.05 -10.12 4.80
CA MET C 67 -30.23 -11.17 5.37
C MET C 67 -29.46 -11.92 4.27
N PHE C 68 -30.06 -11.99 3.06
CA PHE C 68 -29.39 -12.53 1.89
C PHE C 68 -28.15 -11.73 1.53
N TYR C 69 -28.29 -10.40 1.43
CA TYR C 69 -27.15 -9.51 1.17
C TYR C 69 -26.10 -9.54 2.28
N ARG C 70 -26.53 -9.44 3.55
CA ARG C 70 -25.58 -9.39 4.67
C ARG C 70 -24.87 -10.73 4.87
N THR C 71 -25.58 -11.84 4.70
CA THR C 71 -25.01 -13.16 4.94
C THR C 71 -24.04 -13.53 3.83
N ILE C 72 -24.35 -13.20 2.57
CA ILE C 72 -23.38 -13.46 1.49
C ILE C 72 -22.19 -12.50 1.57
N ARG C 73 -22.40 -11.26 2.04
CA ARG C 73 -21.25 -10.38 2.30
C ARG C 73 -20.41 -10.80 3.49
N MET C 74 -20.94 -11.65 4.38
CA MET C 74 -20.12 -12.23 5.44
C MET C 74 -19.46 -13.55 5.05
N MET C 75 -20.04 -14.33 4.12
CA MET C 75 -19.24 -15.39 3.50
C MET C 75 -18.13 -14.85 2.62
N GLU C 76 -18.34 -13.66 2.04
CA GLU C 76 -17.30 -12.99 1.26
C GLU C 76 -16.11 -12.58 2.12
N ASN C 77 -16.35 -12.30 3.41
CA ASN C 77 -15.30 -11.92 4.35
C ASN C 77 -14.96 -13.04 5.31
N GLY C 78 -15.33 -14.28 4.97
CA GLY C 78 -14.87 -15.44 5.69
C GLY C 78 -15.60 -15.78 6.96
N ILE C 79 -16.65 -15.04 7.32
CA ILE C 79 -17.44 -15.36 8.50
C ILE C 79 -18.33 -16.56 8.19
N LYS C 80 -18.32 -17.56 9.09
CA LYS C 80 -19.27 -18.66 9.03
C LYS C 80 -20.34 -18.43 10.09
N PRO C 81 -21.50 -17.86 9.75
CA PRO C 81 -22.47 -17.51 10.77
C PRO C 81 -23.43 -18.63 11.10
N VAL C 82 -23.99 -18.52 12.30
CA VAL C 82 -25.16 -19.29 12.70
C VAL C 82 -26.14 -18.33 13.37
N TYR C 83 -27.40 -18.41 12.96
CA TYR C 83 -28.43 -17.50 13.44
C TYR C 83 -29.21 -18.20 14.54
N VAL C 84 -29.21 -17.62 15.73
CA VAL C 84 -29.89 -18.19 16.89
C VAL C 84 -31.20 -17.45 17.08
N PHE C 85 -32.31 -18.18 17.01
CA PHE C 85 -33.64 -17.60 17.02
C PHE C 85 -34.26 -17.69 18.40
N ASP C 86 -34.92 -16.62 18.82
CA ASP C 86 -35.58 -16.58 20.12
C ASP C 86 -36.89 -17.36 20.07
N GLY C 87 -37.12 -18.17 21.10
CA GLY C 87 -38.32 -18.97 21.17
C GLY C 87 -39.37 -18.41 22.11
N LYS C 88 -39.71 -19.16 23.15
CA LYS C 88 -40.66 -18.65 24.13
C LYS C 88 -39.95 -17.68 25.07
N PRO C 89 -40.46 -16.46 25.24
CA PRO C 89 -39.80 -15.50 26.13
C PRO C 89 -39.99 -15.88 27.58
N PRO C 90 -39.07 -15.50 28.46
CA PRO C 90 -39.21 -15.84 29.89
C PRO C 90 -40.27 -14.99 30.58
N GLN C 91 -40.54 -15.36 31.83
CA GLN C 91 -41.57 -14.67 32.61
C GLN C 91 -41.12 -13.29 33.07
N LEU C 92 -39.81 -13.09 33.24
CA LEU C 92 -39.29 -11.79 33.64
C LEU C 92 -39.19 -10.82 32.47
N LYS C 93 -39.32 -11.32 31.23
CA LYS C 93 -39.30 -10.47 30.05
C LYS C 93 -40.60 -9.70 29.88
N SER C 94 -41.67 -10.14 30.55
CA SER C 94 -43.03 -9.65 30.29
C SER C 94 -43.26 -8.22 30.75
N GLY C 95 -42.49 -7.73 31.72
CA GLY C 95 -42.62 -6.32 32.12
C GLY C 95 -42.11 -5.36 31.06
N GLU C 96 -40.94 -5.65 30.50
CA GLU C 96 -40.42 -4.84 29.40
C GLU C 96 -41.18 -5.11 28.11
N LEU C 97 -41.78 -6.30 27.99
CA LEU C 97 -42.65 -6.59 26.85
C LEU C 97 -43.94 -5.78 26.92
N ALA C 98 -44.48 -5.60 28.13
CA ALA C 98 -45.66 -4.76 28.31
C ALA C 98 -45.33 -3.28 28.11
N LYS C 99 -44.12 -2.88 28.51
CA LYS C 99 -43.65 -1.52 28.26
C LYS C 99 -43.46 -1.25 26.76
N ARG C 100 -42.91 -2.22 26.04
CA ARG C 100 -42.76 -2.10 24.59
C ARG C 100 -44.10 -2.17 23.87
N SER C 101 -45.05 -2.94 24.40
CA SER C 101 -46.41 -2.97 23.84
C SER C 101 -47.14 -1.65 24.07
N GLU C 102 -46.90 -1.00 25.22
CA GLU C 102 -47.44 0.34 25.46
C GLU C 102 -46.78 1.37 24.55
N ARG C 103 -45.48 1.20 24.26
CA ARG C 103 -44.80 2.09 23.31
C ARG C 103 -45.33 1.91 21.89
N ARG C 104 -45.61 0.67 21.48
CA ARG C 104 -46.21 0.45 20.17
C ARG C 104 -47.67 0.86 20.13
N ALA C 105 -48.37 0.84 21.28
CA ALA C 105 -49.73 1.33 21.33
C ALA C 105 -49.80 2.85 21.22
N GLU C 106 -48.88 3.56 21.88
CA GLU C 106 -48.87 5.02 21.72
C GLU C 106 -48.31 5.42 20.36
N ALA C 107 -47.43 4.60 19.77
CA ALA C 107 -47.00 4.82 18.39
C ALA C 107 -48.14 4.57 17.40
N GLU C 108 -49.02 3.62 17.72
CA GLU C 108 -50.25 3.44 16.95
C GLU C 108 -51.19 4.63 17.11
N LYS C 109 -51.20 5.26 18.30
CA LYS C 109 -52.00 6.47 18.50
C LYS C 109 -51.47 7.66 17.69
N GLN C 110 -50.14 7.86 17.67
CA GLN C 110 -49.62 8.91 16.79
C GLN C 110 -49.67 8.53 15.31
N LEU C 111 -49.74 7.25 14.97
CA LEU C 111 -50.01 6.86 13.59
C LEU C 111 -51.47 7.10 13.22
N GLN C 112 -52.37 6.99 14.19
CA GLN C 112 -53.78 7.27 13.95
C GLN C 112 -54.03 8.76 13.78
N GLN C 113 -53.39 9.59 14.58
CA GLN C 113 -53.52 11.03 14.39
C GLN C 113 -52.54 11.59 13.36
N ALA C 114 -51.65 10.76 12.82
CA ALA C 114 -50.72 11.19 11.79
C ALA C 114 -51.21 10.93 10.38
N GLN C 115 -52.10 9.95 10.19
CA GLN C 115 -52.70 9.74 8.88
C GLN C 115 -53.70 10.84 8.55
N ALA C 116 -54.41 11.34 9.57
CA ALA C 116 -55.30 12.48 9.37
C ALA C 116 -54.57 13.80 9.25
N ALA C 117 -53.31 13.86 9.70
CA ALA C 117 -52.53 15.08 9.55
C ALA C 117 -52.03 15.27 8.13
N GLY C 118 -51.79 14.18 7.40
CA GLY C 118 -51.33 14.26 6.03
C GLY C 118 -49.82 14.31 5.87
N ALA C 119 -49.06 14.31 6.95
CA ALA C 119 -47.61 14.36 6.86
C ALA C 119 -47.07 12.96 6.59
N GLU C 120 -46.43 12.79 5.42
CA GLU C 120 -45.95 11.48 5.01
C GLU C 120 -44.67 11.05 5.72
N GLN C 121 -43.89 11.99 6.26
CA GLN C 121 -42.67 11.64 6.98
C GLN C 121 -42.99 11.01 8.33
N GLU C 122 -44.00 11.54 9.03
CA GLU C 122 -44.38 10.99 10.32
C GLU C 122 -45.05 9.63 10.19
N VAL C 123 -45.71 9.37 9.04
CA VAL C 123 -46.37 8.09 8.80
C VAL C 123 -45.33 6.97 8.67
N GLU C 124 -44.30 7.20 7.84
CA GLU C 124 -43.24 6.19 7.71
C GLU C 124 -42.34 6.14 8.93
N LYS C 125 -42.22 7.26 9.66
CA LYS C 125 -41.44 7.27 10.91
C LYS C 125 -42.10 6.43 11.99
N PHE C 126 -43.41 6.59 12.19
CA PHE C 126 -44.08 5.76 13.18
C PHE C 126 -44.46 4.38 12.64
N THR C 127 -44.33 4.14 11.34
CA THR C 127 -44.31 2.77 10.85
C THR C 127 -42.98 2.10 11.20
N LYS C 128 -41.89 2.86 11.18
CA LYS C 128 -40.62 2.35 11.69
C LYS C 128 -40.64 2.16 13.20
N ARG C 129 -41.46 2.95 13.92
CA ARG C 129 -41.51 2.81 15.38
C ARG C 129 -42.23 1.54 15.82
N LEU C 130 -43.15 1.01 15.00
CA LEU C 130 -43.92 -0.17 15.39
C LEU C 130 -43.64 -1.29 14.38
N VAL C 131 -42.86 -2.28 14.81
CA VAL C 131 -42.62 -3.52 14.08
C VAL C 131 -42.82 -4.65 15.06
N LYS C 132 -43.64 -5.64 14.69
CA LYS C 132 -43.82 -6.85 15.49
C LYS C 132 -43.49 -8.06 14.63
N VAL C 133 -42.52 -8.85 15.04
CA VAL C 133 -42.14 -10.05 14.32
C VAL C 133 -43.10 -11.17 14.67
N THR C 134 -43.40 -12.03 13.69
CA THR C 134 -44.34 -13.12 13.84
C THR C 134 -43.62 -14.45 13.65
N LYS C 135 -44.40 -15.54 13.75
CA LYS C 135 -43.88 -16.87 13.43
C LYS C 135 -43.61 -17.05 11.94
N GLN C 136 -44.34 -16.32 11.09
CA GLN C 136 -44.20 -16.50 9.65
C GLN C 136 -42.90 -15.89 9.13
N HIS C 137 -42.49 -14.75 9.73
CA HIS C 137 -41.22 -14.12 9.37
C HIS C 137 -40.03 -14.98 9.75
N ASN C 138 -40.04 -15.54 10.97
CA ASN C 138 -38.97 -16.44 11.40
C ASN C 138 -39.02 -17.78 10.68
N ASP C 139 -40.21 -18.20 10.24
CA ASP C 139 -40.35 -19.46 9.50
C ASP C 139 -39.75 -19.34 8.10
N GLU C 140 -40.07 -18.25 7.38
CA GLU C 140 -39.43 -18.04 6.08
C GLU C 140 -37.96 -17.65 6.21
N CYS C 141 -37.56 -17.08 7.36
CA CYS C 141 -36.17 -16.79 7.64
C CYS C 141 -35.35 -18.07 7.81
N LYS C 142 -35.90 -19.03 8.56
CA LYS C 142 -35.26 -20.34 8.70
C LYS C 142 -35.32 -21.15 7.41
N HIS C 143 -36.36 -20.93 6.59
CA HIS C 143 -36.42 -21.59 5.28
C HIS C 143 -35.34 -21.07 4.33
N LEU C 144 -35.11 -19.75 4.34
CA LEU C 144 -34.04 -19.16 3.53
C LEU C 144 -32.66 -19.59 4.04
N LEU C 145 -32.50 -19.72 5.36
CA LEU C 145 -31.25 -20.22 5.93
C LEU C 145 -31.03 -21.70 5.60
N SER C 146 -32.10 -22.48 5.55
CA SER C 146 -32.00 -23.88 5.15
C SER C 146 -31.64 -24.01 3.67
N LEU C 147 -32.21 -23.15 2.83
CA LEU C 147 -31.90 -23.20 1.41
C LEU C 147 -30.53 -22.61 1.08
N MET C 148 -29.98 -21.78 1.97
CA MET C 148 -28.62 -21.28 1.79
C MET C 148 -27.57 -22.20 2.39
N GLY C 149 -27.99 -23.29 3.04
CA GLY C 149 -27.04 -24.23 3.62
C GLY C 149 -26.32 -23.73 4.85
N ILE C 150 -26.89 -22.76 5.55
CA ILE C 150 -26.28 -22.11 6.69
C ILE C 150 -27.17 -22.34 7.91
N PRO C 151 -26.64 -22.93 9.00
CA PRO C 151 -27.52 -23.51 10.02
C PRO C 151 -28.20 -22.49 10.91
N TYR C 152 -29.35 -22.89 11.45
CA TYR C 152 -30.12 -22.10 12.39
C TYR C 152 -30.30 -22.90 13.67
N LEU C 153 -30.32 -22.21 14.80
CA LEU C 153 -30.59 -22.82 16.08
C LEU C 153 -31.76 -22.10 16.74
N ASP C 154 -32.62 -22.86 17.39
CA ASP C 154 -33.82 -22.34 18.04
C ASP C 154 -33.62 -22.40 19.55
N ALA C 155 -33.55 -21.23 20.17
CA ALA C 155 -33.37 -21.17 21.61
C ALA C 155 -34.69 -21.49 22.32
N PRO C 156 -34.63 -22.18 23.47
CA PRO C 156 -35.87 -22.41 24.23
C PRO C 156 -36.35 -21.18 24.97
N SER C 157 -35.45 -20.40 25.56
CA SER C 157 -35.82 -19.25 26.37
C SER C 157 -35.34 -17.93 25.77
N GLU C 158 -34.05 -17.78 25.54
CA GLU C 158 -33.51 -16.52 25.07
C GLU C 158 -32.40 -16.80 24.07
N ALA C 159 -32.42 -16.09 22.94
CA ALA C 159 -31.42 -16.33 21.90
C ALA C 159 -30.07 -15.74 22.26
N GLU C 160 -30.05 -14.68 23.07
CA GLU C 160 -28.79 -14.17 23.61
C GLU C 160 -28.17 -15.15 24.60
N ALA C 161 -29.02 -15.84 25.38
CA ALA C 161 -28.54 -16.85 26.32
C ALA C 161 -27.99 -18.07 25.59
N SER C 162 -28.64 -18.47 24.50
CA SER C 162 -28.14 -19.59 23.72
C SER C 162 -26.88 -19.22 22.94
N CYS C 163 -26.75 -17.94 22.55
CA CYS C 163 -25.51 -17.46 21.96
C CYS C 163 -24.37 -17.49 22.96
N ALA C 164 -24.63 -17.06 24.19
CA ALA C 164 -23.60 -17.06 25.23
C ALA C 164 -23.27 -18.48 25.69
N ALA C 165 -24.22 -19.40 25.61
CA ALA C 165 -23.91 -20.80 25.85
C ALA C 165 -23.15 -21.43 24.69
N LEU C 166 -23.36 -20.93 23.47
CA LEU C 166 -22.63 -21.43 22.31
C LEU C 166 -21.17 -20.98 22.33
N VAL C 167 -20.91 -19.75 22.79
CA VAL C 167 -19.52 -19.27 22.84
C VAL C 167 -18.78 -19.95 24.00
N LYS C 168 -19.46 -20.17 25.13
CA LYS C 168 -18.86 -20.81 26.31
C LYS C 168 -18.51 -22.27 26.06
N ALA C 169 -19.24 -22.94 25.18
CA ALA C 169 -18.94 -24.33 24.84
C ALA C 169 -17.88 -24.45 23.75
N GLY C 170 -17.43 -23.34 23.17
CA GLY C 170 -16.41 -23.37 22.14
C GLY C 170 -16.90 -23.78 20.77
N LYS C 171 -18.22 -23.85 20.57
CA LYS C 171 -18.74 -24.19 19.24
C LYS C 171 -18.58 -23.04 18.26
N VAL C 172 -18.73 -21.81 18.73
CA VAL C 172 -18.52 -20.61 17.91
C VAL C 172 -17.54 -19.70 18.64
N TYR C 173 -16.92 -18.80 17.87
CA TYR C 173 -15.93 -17.91 18.45
C TYR C 173 -16.57 -16.80 19.27
N ALA C 174 -17.63 -16.19 18.75
CA ALA C 174 -18.17 -14.99 19.39
C ALA C 174 -19.65 -14.84 19.10
N ALA C 175 -20.34 -14.16 20.01
CA ALA C 175 -21.74 -13.83 19.86
C ALA C 175 -21.88 -12.51 19.10
N ALA C 176 -22.93 -12.43 18.28
CA ALA C 176 -23.16 -11.24 17.45
C ALA C 176 -24.54 -10.67 17.77
N THR C 177 -24.57 -9.73 18.69
CA THR C 177 -25.76 -8.91 18.88
C THR C 177 -25.30 -7.50 19.21
N GLU C 178 -26.18 -6.54 18.95
CA GLU C 178 -25.92 -5.18 19.40
C GLU C 178 -26.17 -5.00 20.89
N ASP C 179 -26.83 -5.96 21.53
CA ASP C 179 -27.16 -5.91 22.94
C ASP C 179 -25.91 -6.08 23.80
N MET C 180 -26.04 -5.70 25.06
CA MET C 180 -25.09 -6.09 26.10
C MET C 180 -25.61 -7.27 26.92
N ASP C 181 -26.65 -7.93 26.44
CA ASP C 181 -27.21 -9.09 27.13
C ASP C 181 -26.25 -10.28 27.08
N CYS C 182 -25.54 -10.45 25.96
CA CYS C 182 -24.63 -11.57 25.80
C CYS C 182 -23.39 -11.46 26.68
N LEU C 183 -22.99 -10.24 27.05
CA LEU C 183 -21.97 -10.08 28.09
C LEU C 183 -22.50 -10.52 29.45
N THR C 184 -23.78 -10.24 29.73
CA THR C 184 -24.37 -10.62 31.02
C THR C 184 -24.67 -12.11 31.08
N PHE C 185 -25.14 -12.71 29.99
CA PHE C 185 -25.45 -14.13 29.99
C PHE C 185 -24.20 -15.00 29.97
N GLY C 186 -23.06 -14.46 29.57
CA GLY C 186 -21.80 -15.17 29.79
C GLY C 186 -20.95 -15.47 28.58
N SER C 187 -21.10 -14.70 27.51
CA SER C 187 -20.22 -14.89 26.36
C SER C 187 -18.93 -14.11 26.58
N PRO C 188 -17.76 -14.77 26.50
CA PRO C 188 -16.49 -14.04 26.68
C PRO C 188 -16.18 -13.03 25.58
N VAL C 189 -16.54 -13.29 24.33
CA VAL C 189 -16.30 -12.36 23.23
C VAL C 189 -17.65 -12.00 22.62
N LEU C 190 -17.92 -10.70 22.49
CA LEU C 190 -19.16 -10.21 21.91
C LEU C 190 -18.86 -9.30 20.73
N MET C 191 -19.46 -9.58 19.59
CA MET C 191 -19.30 -8.79 18.38
C MET C 191 -20.50 -7.89 18.17
N ARG C 192 -20.27 -6.74 17.54
CA ARG C 192 -21.32 -5.78 17.24
C ARG C 192 -21.16 -5.25 15.83
N HIS C 193 -22.25 -4.68 15.30
CA HIS C 193 -22.32 -3.92 14.05
C HIS C 193 -21.91 -4.74 12.82
N LEU C 194 -22.24 -6.03 12.80
CA LEU C 194 -21.98 -6.81 11.59
C LEU C 194 -22.96 -6.49 10.49
N THR C 195 -22.65 -5.45 9.72
CA THR C 195 -23.36 -5.07 8.51
C THR C 195 -22.42 -5.25 7.33
N ALA C 196 -22.86 -4.79 6.16
CA ALA C 196 -22.04 -4.78 4.96
C ALA C 196 -21.75 -3.33 4.61
N SER C 197 -20.68 -2.79 5.20
CA SER C 197 -20.31 -1.40 5.04
C SER C 197 -18.79 -1.30 4.90
N GLU C 198 -18.28 -0.07 4.97
CA GLU C 198 -16.88 0.19 4.73
C GLU C 198 -16.10 0.24 6.04
N ALA C 199 -14.80 0.56 5.94
CA ALA C 199 -13.94 0.61 7.12
C ALA C 199 -14.20 1.85 7.95
N LYS C 200 -14.41 3.00 7.30
CA LYS C 200 -14.59 4.26 8.02
C LYS C 200 -15.99 4.36 8.61
N LYS C 201 -16.97 3.73 7.97
CA LYS C 201 -18.38 3.88 8.35
C LYS C 201 -18.71 3.14 9.64
N LEU C 202 -18.58 1.82 9.65
CA LEU C 202 -18.88 1.02 10.83
C LEU C 202 -17.72 0.09 11.15
N PRO C 203 -17.00 0.31 12.25
CA PRO C 203 -16.07 -0.71 12.75
C PRO C 203 -16.85 -1.76 13.55
N ILE C 204 -16.16 -2.87 13.82
CA ILE C 204 -16.78 -4.00 14.49
C ILE C 204 -16.39 -3.91 15.96
N GLN C 205 -17.35 -3.58 16.82
CA GLN C 205 -17.08 -3.44 18.24
C GLN C 205 -16.96 -4.81 18.90
N GLU C 206 -15.74 -5.31 19.03
CA GLU C 206 -15.48 -6.61 19.64
C GLU C 206 -15.36 -6.42 21.15
N PHE C 207 -16.39 -6.82 21.89
CA PHE C 207 -16.40 -6.70 23.34
C PHE C 207 -15.86 -7.98 23.95
N HIS C 208 -14.70 -7.88 24.59
CA HIS C 208 -14.14 -9.01 25.33
C HIS C 208 -14.60 -8.93 26.77
N LEU C 209 -15.33 -9.94 27.23
CA LEU C 209 -15.82 -9.95 28.62
C LEU C 209 -14.70 -10.22 29.61
N SER C 210 -13.67 -10.98 29.19
CA SER C 210 -12.52 -11.23 30.06
C SER C 210 -11.71 -9.97 30.32
N ARG C 211 -11.59 -9.10 29.33
CA ARG C 211 -10.95 -7.80 29.54
C ARG C 211 -11.78 -6.89 30.43
N ILE C 212 -13.12 -6.99 30.33
CA ILE C 212 -14.02 -6.22 31.18
C ILE C 212 -13.90 -6.66 32.64
N LEU C 213 -13.88 -7.97 32.87
CA LEU C 213 -13.73 -8.51 34.22
C LEU C 213 -12.32 -8.33 34.77
N GLN C 214 -11.30 -8.23 33.90
CA GLN C 214 -9.97 -7.93 34.36
C GLN C 214 -9.82 -6.45 34.74
N GLU C 215 -10.39 -5.55 33.93
CA GLU C 215 -10.25 -4.12 34.19
C GLU C 215 -11.13 -3.66 35.35
N LEU C 216 -12.34 -4.21 35.48
CA LEU C 216 -13.21 -3.86 36.59
C LEU C 216 -12.92 -4.66 37.85
N GLY C 217 -12.07 -5.69 37.76
CA GLY C 217 -11.75 -6.55 38.89
C GLY C 217 -12.92 -7.39 39.36
N LEU C 218 -13.72 -7.90 38.45
CA LEU C 218 -14.93 -8.63 38.77
C LEU C 218 -14.88 -10.04 38.19
N ASN C 219 -15.98 -10.76 38.37
CA ASN C 219 -16.20 -12.06 37.73
C ASN C 219 -17.64 -12.13 37.29
N GLN C 220 -18.11 -13.35 36.99
CA GLN C 220 -19.36 -13.54 36.23
C GLN C 220 -20.60 -13.17 37.05
N GLU C 221 -20.66 -13.58 38.31
CA GLU C 221 -21.80 -13.20 39.14
C GLU C 221 -21.69 -11.77 39.64
N GLN C 222 -20.50 -11.16 39.61
CA GLN C 222 -20.37 -9.75 39.95
C GLN C 222 -20.84 -8.84 38.83
N PHE C 223 -20.60 -9.24 37.58
CA PHE C 223 -21.01 -8.43 36.44
C PHE C 223 -22.52 -8.47 36.22
N VAL C 224 -23.17 -9.56 36.64
CA VAL C 224 -24.62 -9.71 36.50
C VAL C 224 -25.34 -8.73 37.41
N ASP C 225 -24.85 -8.57 38.65
CA ASP C 225 -25.45 -7.63 39.61
C ASP C 225 -25.24 -6.18 39.18
N LEU C 226 -24.07 -5.87 38.63
CA LEU C 226 -23.81 -4.55 38.04
C LEU C 226 -24.72 -4.29 36.85
N CYS C 227 -24.95 -5.32 36.03
CA CYS C 227 -25.81 -5.17 34.85
C CYS C 227 -27.29 -5.06 35.24
N ILE C 228 -27.67 -5.62 36.38
CA ILE C 228 -28.98 -5.32 36.97
C ILE C 228 -29.04 -3.86 37.41
N LEU C 229 -27.98 -3.37 38.07
CA LEU C 229 -27.94 -2.00 38.57
C LEU C 229 -27.87 -0.93 37.47
N LEU C 230 -27.47 -1.28 36.25
CA LEU C 230 -27.63 -0.36 35.13
C LEU C 230 -28.99 -0.48 34.43
N GLY C 231 -29.94 -1.23 34.98
CA GLY C 231 -31.26 -1.22 34.40
C GLY C 231 -31.50 -2.21 33.27
N SER C 232 -31.34 -3.50 33.56
CA SER C 232 -31.67 -4.53 32.61
C SER C 232 -33.19 -4.63 32.43
N ASP C 233 -33.59 -5.29 31.35
CA ASP C 233 -35.01 -5.51 31.08
C ASP C 233 -35.64 -6.56 31.98
N TYR C 234 -34.83 -7.38 32.65
CA TYR C 234 -35.32 -8.49 33.44
C TYR C 234 -35.65 -8.09 34.88
N CYS C 235 -35.31 -6.88 35.29
CA CYS C 235 -35.58 -6.38 36.62
C CYS C 235 -35.73 -4.86 36.53
N GLU C 236 -35.68 -4.20 37.69
CA GLU C 236 -35.74 -2.74 37.76
C GLU C 236 -34.61 -2.25 38.65
N SER C 237 -33.85 -1.28 38.17
CA SER C 237 -32.72 -0.76 38.93
C SER C 237 -33.16 0.35 39.89
N ILE C 238 -32.19 0.89 40.61
CA ILE C 238 -32.45 1.99 41.53
C ILE C 238 -32.64 3.28 40.74
N ARG C 239 -33.56 4.12 41.19
CA ARG C 239 -33.74 5.45 40.61
C ARG C 239 -32.53 6.35 40.88
N GLY C 240 -31.88 6.18 42.02
CA GLY C 240 -30.75 7.01 42.35
C GLY C 240 -29.39 6.53 41.90
N ILE C 241 -29.29 5.35 41.30
CA ILE C 241 -28.01 4.75 40.95
C ILE C 241 -27.92 4.64 39.43
N GLY C 242 -27.03 5.42 38.83
CA GLY C 242 -26.76 5.34 37.41
C GLY C 242 -25.61 4.40 37.14
N PRO C 243 -24.85 4.63 36.06
CA PRO C 243 -23.73 3.74 35.72
C PRO C 243 -22.54 3.84 36.67
N LYS C 244 -22.06 5.07 36.90
CA LYS C 244 -20.86 5.28 37.71
C LYS C 244 -21.09 4.98 39.18
N ARG C 245 -22.30 5.27 39.68
CA ARG C 245 -22.65 4.88 41.04
C ARG C 245 -22.79 3.38 41.17
N ALA C 246 -23.21 2.68 40.11
CA ALA C 246 -23.21 1.22 40.13
C ALA C 246 -21.80 0.66 40.14
N VAL C 247 -20.88 1.32 39.43
CA VAL C 247 -19.46 0.93 39.47
C VAL C 247 -18.88 1.10 40.87
N ASP C 248 -19.19 2.24 41.52
CA ASP C 248 -18.70 2.50 42.87
C ASP C 248 -19.33 1.58 43.92
N LEU C 249 -20.62 1.27 43.80
CA LEU C 249 -21.25 0.37 44.75
C LEU C 249 -20.91 -1.09 44.52
N ILE C 250 -20.64 -1.52 43.28
CA ILE C 250 -20.15 -2.87 43.05
C ILE C 250 -18.71 -3.01 43.55
N GLN C 251 -17.89 -1.96 43.36
CA GLN C 251 -16.55 -1.98 43.95
C GLN C 251 -16.55 -1.78 45.46
N LYS C 252 -17.65 -1.31 46.04
CA LYS C 252 -17.80 -1.24 47.49
C LYS C 252 -18.41 -2.52 48.07
N HIS C 253 -19.61 -2.87 47.60
CA HIS C 253 -20.30 -4.09 48.04
C HIS C 253 -20.29 -5.08 46.89
N LYS C 254 -19.84 -6.31 47.18
CA LYS C 254 -19.60 -7.29 46.11
C LYS C 254 -20.90 -7.87 45.56
N SER C 255 -21.65 -8.57 46.40
CA SER C 255 -22.93 -9.11 45.94
C SER C 255 -24.01 -8.05 46.02
N ILE C 256 -25.15 -8.32 45.38
CA ILE C 256 -26.25 -7.36 45.39
C ILE C 256 -27.01 -7.42 46.72
N GLU C 257 -26.86 -8.50 47.50
CA GLU C 257 -27.50 -8.59 48.80
C GLU C 257 -26.85 -7.65 49.81
N GLU C 258 -25.54 -7.42 49.69
CA GLU C 258 -24.87 -6.41 50.51
C GLU C 258 -25.26 -4.99 50.09
N ILE C 259 -25.62 -4.79 48.83
CA ILE C 259 -26.20 -3.52 48.41
C ILE C 259 -27.59 -3.34 49.01
N VAL C 260 -28.35 -4.44 49.10
CA VAL C 260 -29.63 -4.43 49.82
C VAL C 260 -29.40 -4.23 51.31
N ARG C 261 -28.31 -4.80 51.85
CA ARG C 261 -27.98 -4.65 53.27
C ARG C 261 -27.48 -3.25 53.63
N ARG C 262 -27.10 -2.43 52.65
CA ARG C 262 -26.68 -1.05 52.93
C ARG C 262 -27.36 -0.12 51.92
N LEU C 263 -28.56 0.33 52.27
CA LEU C 263 -29.24 1.43 51.58
C LEU C 263 -30.07 2.20 52.58
N ASP C 264 -30.40 3.44 52.22
CA ASP C 264 -31.34 4.25 52.96
C ASP C 264 -32.53 4.64 52.08
N PRO C 265 -33.77 4.35 52.52
CA PRO C 265 -34.93 4.63 51.67
C PRO C 265 -35.31 6.10 51.60
N ASN C 266 -34.81 6.94 52.51
CA ASN C 266 -35.11 8.37 52.46
C ASN C 266 -34.32 9.06 51.35
N LYS C 267 -33.07 8.65 51.14
CA LYS C 267 -32.24 9.22 50.09
C LYS C 267 -32.41 8.46 48.77
N TYR C 268 -32.17 7.15 48.79
CA TYR C 268 -32.22 6.34 47.59
C TYR C 268 -33.55 5.62 47.51
N PRO C 269 -34.40 5.88 46.50
CA PRO C 269 -35.69 5.20 46.42
C PRO C 269 -35.56 3.73 46.03
N VAL C 270 -35.75 2.85 46.99
CA VAL C 270 -35.63 1.41 46.74
C VAL C 270 -36.91 0.93 46.06
N PRO C 271 -36.82 0.25 44.92
CA PRO C 271 -38.03 -0.30 44.27
C PRO C 271 -38.56 -1.50 45.03
N GLU C 272 -39.78 -1.39 45.54
CA GLU C 272 -40.41 -2.48 46.26
C GLU C 272 -40.85 -3.56 45.28
N ASN C 273 -41.12 -4.75 45.85
CA ASN C 273 -41.44 -6.00 45.14
C ASN C 273 -40.35 -6.36 44.12
N TRP C 274 -39.18 -6.69 44.69
CA TRP C 274 -37.96 -6.89 43.93
C TRP C 274 -38.02 -8.13 43.04
N LEU C 275 -37.25 -8.10 41.95
CA LEU C 275 -37.11 -9.22 41.05
C LEU C 275 -35.66 -9.64 40.85
N HIS C 276 -34.73 -9.16 41.70
CA HIS C 276 -33.31 -9.29 41.41
C HIS C 276 -32.76 -10.69 41.66
N LYS C 277 -33.40 -11.47 42.55
CA LYS C 277 -32.91 -12.82 42.84
C LYS C 277 -33.18 -13.76 41.67
N GLU C 278 -34.39 -13.73 41.12
CA GLU C 278 -34.71 -14.56 39.96
C GLU C 278 -34.04 -14.05 38.69
N ALA C 279 -33.80 -12.74 38.60
CA ALA C 279 -33.04 -12.20 37.48
C ALA C 279 -31.58 -12.62 37.53
N HIS C 280 -30.99 -12.65 38.73
CA HIS C 280 -29.62 -13.13 38.91
C HIS C 280 -29.53 -14.63 38.62
N GLN C 281 -30.52 -15.41 39.08
CA GLN C 281 -30.53 -16.84 38.81
C GLN C 281 -30.87 -17.17 37.35
N LEU C 282 -31.46 -16.23 36.61
CA LEU C 282 -31.73 -16.47 35.20
C LEU C 282 -30.60 -15.97 34.29
N PHE C 283 -29.90 -14.89 34.65
CA PHE C 283 -28.70 -14.52 33.90
C PHE C 283 -27.54 -15.47 34.17
N LEU C 284 -27.39 -15.95 35.41
CA LEU C 284 -26.38 -16.99 35.66
C LEU C 284 -26.80 -18.33 35.06
N GLU C 285 -28.02 -18.77 35.30
CA GLU C 285 -28.49 -20.08 34.87
C GLU C 285 -29.80 -19.97 34.10
N PRO C 286 -29.75 -19.64 32.81
CA PRO C 286 -30.95 -19.75 31.97
C PRO C 286 -31.14 -21.19 31.51
N GLU C 287 -32.29 -21.43 30.91
CA GLU C 287 -32.50 -22.68 30.18
C GLU C 287 -32.20 -22.43 28.71
N VAL C 288 -31.36 -23.29 28.14
CA VAL C 288 -30.87 -23.17 26.77
C VAL C 288 -30.89 -24.55 26.14
N LEU C 289 -30.55 -24.59 24.85
CA LEU C 289 -30.25 -25.86 24.20
C LEU C 289 -28.89 -26.37 24.65
N ASP C 290 -28.69 -27.67 24.51
CA ASP C 290 -27.38 -28.24 24.76
C ASP C 290 -26.48 -27.96 23.56
N PRO C 291 -25.39 -27.21 23.73
CA PRO C 291 -24.56 -26.88 22.56
C PRO C 291 -23.62 -27.99 22.13
N GLU C 292 -23.35 -28.98 22.99
CA GLU C 292 -22.53 -30.12 22.61
C GLU C 292 -23.30 -31.15 21.79
N SER C 293 -24.63 -31.11 21.83
CA SER C 293 -25.45 -32.06 21.10
C SER C 293 -25.83 -31.58 19.70
N VAL C 294 -25.49 -30.35 19.35
CA VAL C 294 -25.83 -29.78 18.05
C VAL C 294 -24.55 -29.60 17.25
N GLU C 295 -24.49 -30.24 16.08
CA GLU C 295 -23.36 -30.12 15.18
C GLU C 295 -23.65 -29.05 14.15
N LEU C 296 -22.70 -28.14 13.96
CA LEU C 296 -22.89 -26.98 13.09
C LEU C 296 -22.20 -27.24 11.76
N LYS C 297 -23.00 -27.30 10.69
CA LYS C 297 -22.50 -27.61 9.35
C LYS C 297 -22.93 -26.50 8.40
N TRP C 298 -21.96 -25.93 7.70
CA TRP C 298 -22.21 -24.91 6.68
C TRP C 298 -22.14 -25.60 5.33
N SER C 299 -23.26 -26.18 4.90
CA SER C 299 -23.28 -27.02 3.72
C SER C 299 -23.34 -26.18 2.45
N GLU C 300 -23.36 -26.88 1.31
CA GLU C 300 -23.43 -26.22 0.01
C GLU C 300 -24.82 -25.63 -0.21
N PRO C 301 -24.92 -24.42 -0.75
CA PRO C 301 -26.24 -23.82 -0.99
C PRO C 301 -26.98 -24.48 -2.14
N ASN C 302 -28.28 -24.70 -1.93
CA ASN C 302 -29.13 -25.19 -3.00
C ASN C 302 -29.41 -24.07 -3.98
N GLU C 303 -29.67 -24.44 -5.24
CA GLU C 303 -29.74 -23.46 -6.32
C GLU C 303 -31.14 -23.33 -6.92
N GLU C 304 -31.72 -24.42 -7.43
CA GLU C 304 -32.95 -24.27 -8.20
C GLU C 304 -34.17 -24.10 -7.29
N GLU C 305 -34.19 -24.79 -6.14
CA GLU C 305 -35.28 -24.57 -5.18
C GLU C 305 -35.16 -23.21 -4.53
N LEU C 306 -33.93 -22.70 -4.37
CA LEU C 306 -33.75 -21.38 -3.79
C LEU C 306 -34.12 -20.28 -4.78
N ILE C 307 -33.84 -20.46 -6.08
CA ILE C 307 -34.24 -19.43 -7.04
C ILE C 307 -35.76 -19.47 -7.27
N LYS C 308 -36.41 -20.65 -7.21
CA LYS C 308 -37.86 -20.65 -7.33
C LYS C 308 -38.54 -20.17 -6.04
N PHE C 309 -37.90 -20.35 -4.88
CA PHE C 309 -38.43 -19.80 -3.64
C PHE C 309 -38.26 -18.29 -3.59
N MET C 310 -37.16 -17.78 -4.13
CA MET C 310 -36.85 -16.36 -4.05
C MET C 310 -37.49 -15.55 -5.17
N CYS C 311 -37.92 -16.18 -6.26
CA CYS C 311 -38.52 -15.43 -7.36
C CYS C 311 -39.89 -15.90 -7.80
N GLY C 312 -40.30 -17.14 -7.50
CA GLY C 312 -41.61 -17.60 -7.96
C GLY C 312 -42.76 -17.04 -7.16
N GLU C 313 -42.50 -16.59 -5.93
CA GLU C 313 -43.53 -15.99 -5.10
C GLU C 313 -43.12 -14.65 -4.50
N LYS C 314 -41.92 -14.15 -4.82
CA LYS C 314 -41.47 -12.87 -4.31
C LYS C 314 -41.16 -11.83 -5.38
N GLN C 315 -41.04 -12.26 -6.66
CA GLN C 315 -40.81 -11.41 -7.85
C GLN C 315 -39.53 -10.57 -7.71
N PHE C 316 -38.40 -11.27 -7.63
CA PHE C 316 -37.12 -10.66 -7.32
C PHE C 316 -36.20 -10.71 -8.54
N SER C 317 -35.12 -9.94 -8.47
CA SER C 317 -34.12 -9.91 -9.53
C SER C 317 -33.32 -11.20 -9.47
N GLU C 318 -33.61 -12.12 -10.39
CA GLU C 318 -33.05 -13.47 -10.36
C GLU C 318 -31.57 -13.52 -10.67
N GLU C 319 -31.04 -12.54 -11.41
CA GLU C 319 -29.61 -12.49 -11.67
C GLU C 319 -28.81 -12.11 -10.42
N ARG C 320 -29.39 -11.26 -9.57
CA ARG C 320 -28.73 -10.91 -8.30
C ARG C 320 -28.74 -12.08 -7.33
N ILE C 321 -29.83 -12.84 -7.30
CA ILE C 321 -29.92 -14.04 -6.46
C ILE C 321 -28.97 -15.12 -6.95
N ARG C 322 -28.88 -15.30 -8.29
CA ARG C 322 -27.96 -16.27 -8.88
C ARG C 322 -26.51 -15.89 -8.64
N SER C 323 -26.18 -14.59 -8.74
CA SER C 323 -24.84 -14.11 -8.44
C SER C 323 -24.52 -14.24 -6.96
N GLY C 324 -25.50 -14.04 -6.08
CA GLY C 324 -25.26 -14.20 -4.65
C GLY C 324 -25.02 -15.65 -4.24
N VAL C 325 -25.78 -16.58 -4.82
CA VAL C 325 -25.53 -18.01 -4.58
C VAL C 325 -24.20 -18.45 -5.17
N LYS C 326 -23.81 -17.88 -6.33
CA LYS C 326 -22.50 -18.15 -6.90
C LYS C 326 -21.35 -17.60 -6.06
N ARG C 327 -21.53 -16.42 -5.44
CA ARG C 327 -20.50 -15.89 -4.54
C ARG C 327 -20.43 -16.67 -3.24
N LEU C 328 -21.57 -17.15 -2.72
CA LEU C 328 -21.56 -17.99 -1.52
C LEU C 328 -20.89 -19.33 -1.80
N SER C 329 -21.17 -19.93 -2.96
CA SER C 329 -20.54 -21.20 -3.30
C SER C 329 -19.08 -21.05 -3.68
N LYS C 330 -18.69 -19.88 -4.20
CA LYS C 330 -17.29 -19.62 -4.50
C LYS C 330 -16.49 -19.40 -3.22
N SER C 331 -17.02 -18.59 -2.30
CA SER C 331 -16.30 -18.30 -1.07
C SER C 331 -16.43 -19.40 -0.03
N ARG C 332 -17.36 -20.33 -0.20
CA ARG C 332 -17.49 -21.45 0.74
C ARG C 332 -16.40 -22.49 0.51
N GLN C 333 -16.06 -22.77 -0.74
CA GLN C 333 -15.11 -23.82 -1.07
C GLN C 333 -13.66 -23.33 -1.04
N GLY C 334 -13.43 -22.05 -0.76
CA GLY C 334 -12.07 -21.56 -0.70
C GLY C 334 -11.35 -22.02 0.55
N SER C 335 -10.02 -21.97 0.49
CA SER C 335 -9.18 -22.41 1.60
C SER C 335 -9.17 -21.32 2.67
N THR C 336 -9.70 -21.65 3.84
CA THR C 336 -9.70 -20.69 4.95
C THR C 336 -8.32 -20.63 5.59
N GLN C 337 -8.01 -19.47 6.16
CA GLN C 337 -6.73 -19.24 6.82
C GLN C 337 -6.90 -19.38 8.32
N GLY C 338 -6.12 -20.28 8.92
CA GLY C 338 -6.16 -20.43 10.35
C GLY C 338 -5.39 -19.33 11.08
N ARG C 339 -5.50 -19.34 12.39
CA ARG C 339 -4.81 -18.36 13.23
C ARG C 339 -3.61 -19.01 13.88
N LEU C 340 -2.92 -18.22 14.69
CA LEU C 340 -1.86 -18.72 15.54
C LEU C 340 -2.29 -18.87 16.99
N ASP C 341 -3.56 -18.58 17.29
CA ASP C 341 -4.09 -18.74 18.63
C ASP C 341 -4.33 -20.20 19.00
N ASP C 342 -4.51 -21.07 18.02
CA ASP C 342 -4.73 -22.50 18.25
C ASP C 342 -3.49 -23.35 18.00
N PHE C 343 -2.38 -22.73 17.58
CA PHE C 343 -1.15 -23.47 17.36
C PHE C 343 -0.16 -23.19 18.48
N PHE C 344 0.01 -21.93 18.84
CA PHE C 344 0.83 -21.53 19.96
C PHE C 344 -0.04 -20.92 21.04
N LYS C 345 0.26 -21.23 22.30
CA LYS C 345 -0.54 -20.81 23.44
C LYS C 345 0.15 -19.67 24.17
N VAL C 346 -0.66 -18.80 24.80
CA VAL C 346 -0.15 -17.62 25.47
C VAL C 346 0.48 -18.02 26.79
N THR C 347 1.72 -17.59 27.03
CA THR C 347 2.37 -17.82 28.31
C THR C 347 2.35 -16.60 29.21
N GLY C 348 1.79 -15.48 28.76
CA GLY C 348 1.74 -14.28 29.58
C GLY C 348 1.78 -13.00 28.77
N SER C 349 1.11 -11.96 29.26
CA SER C 349 1.06 -10.68 28.58
C SER C 349 2.32 -9.87 28.88
N LEU C 350 2.42 -8.71 28.23
CA LEU C 350 3.57 -7.83 28.42
C LEU C 350 3.09 -6.39 28.22
N SER C 351 3.19 -5.58 29.27
CA SER C 351 2.73 -4.21 29.23
C SER C 351 3.88 -3.29 28.85
N SER C 352 3.67 -1.98 28.89
CA SER C 352 4.68 -1.00 28.54
C SER C 352 5.31 -0.40 29.80
N ALA C 353 6.61 -0.14 29.72
CA ALA C 353 7.34 0.45 30.84
C ALA C 353 8.39 1.44 30.34
N PHE D 2 2.96 -27.40 -30.06
CA PHE D 2 3.73 -26.15 -30.03
C PHE D 2 4.67 -26.14 -28.84
N GLU D 3 5.96 -26.01 -29.12
CA GLU D 3 6.97 -25.94 -28.07
C GLU D 3 8.13 -25.09 -28.59
N ALA D 4 8.12 -23.81 -28.25
CA ALA D 4 9.15 -22.87 -28.66
C ALA D 4 10.04 -22.57 -27.47
N ARG D 5 11.32 -22.91 -27.58
CA ARG D 5 12.30 -22.70 -26.51
C ARG D 5 13.21 -21.55 -26.89
N LEU D 6 13.22 -20.50 -26.08
CA LEU D 6 14.07 -19.34 -26.30
C LEU D 6 15.27 -19.43 -25.36
N VAL D 7 16.48 -19.36 -25.92
CA VAL D 7 17.66 -19.18 -25.09
C VAL D 7 17.65 -17.79 -24.47
N GLN D 8 17.38 -16.76 -25.28
CA GLN D 8 17.26 -15.39 -24.82
C GLN D 8 15.77 -15.10 -24.62
N GLY D 9 15.26 -15.42 -23.43
CA GLY D 9 13.87 -15.15 -23.12
C GLY D 9 13.58 -13.72 -22.72
N SER D 10 14.64 -12.92 -22.52
CA SER D 10 14.48 -11.49 -22.30
C SER D 10 13.95 -10.76 -23.52
N ILE D 11 14.12 -11.34 -24.72
CA ILE D 11 13.49 -10.84 -25.94
C ILE D 11 11.98 -10.87 -25.81
N LEU D 12 11.41 -12.01 -25.40
CA LEU D 12 9.97 -12.11 -25.23
C LEU D 12 9.48 -11.31 -24.02
N LYS D 13 10.33 -11.16 -23.00
CA LYS D 13 10.02 -10.28 -21.87
C LYS D 13 9.89 -8.83 -22.32
N LYS D 14 10.81 -8.36 -23.17
CA LYS D 14 10.74 -6.98 -23.66
C LYS D 14 9.61 -6.79 -24.67
N VAL D 15 9.27 -7.84 -25.44
CA VAL D 15 8.09 -7.81 -26.33
C VAL D 15 6.80 -7.64 -25.54
N LEU D 16 6.63 -8.41 -24.47
CA LEU D 16 5.40 -8.27 -23.70
C LEU D 16 5.38 -7.04 -22.79
N GLU D 17 6.54 -6.52 -22.41
CA GLU D 17 6.57 -5.20 -21.79
C GLU D 17 6.30 -4.08 -22.78
N ALA D 18 6.57 -4.30 -24.07
CA ALA D 18 6.17 -3.33 -25.09
C ALA D 18 4.68 -3.38 -25.38
N LEU D 19 4.11 -4.59 -25.45
CA LEU D 19 2.73 -4.78 -25.87
C LEU D 19 1.77 -5.01 -24.71
N LYS D 20 2.19 -4.77 -23.46
CA LYS D 20 1.27 -4.92 -22.34
C LYS D 20 0.25 -3.81 -22.26
N ASP D 21 0.59 -2.60 -22.71
CA ASP D 21 -0.30 -1.45 -22.59
C ASP D 21 -0.91 -1.00 -23.90
N LEU D 22 -0.31 -1.36 -25.03
CA LEU D 22 -0.85 -0.97 -26.32
C LEU D 22 -2.08 -1.80 -26.68
N ILE D 23 -1.90 -3.10 -26.81
CA ILE D 23 -3.01 -4.01 -27.07
C ILE D 23 -3.24 -4.86 -25.82
N ASN D 24 -4.48 -5.26 -25.61
CA ASN D 24 -4.86 -6.01 -24.43
C ASN D 24 -4.99 -7.50 -24.70
N GLU D 25 -5.80 -7.87 -25.69
CA GLU D 25 -6.01 -9.26 -26.05
C GLU D 25 -5.56 -9.45 -27.50
N ALA D 26 -4.73 -10.46 -27.73
CA ALA D 26 -4.11 -10.67 -29.02
C ALA D 26 -4.27 -12.13 -29.44
N CYS D 27 -4.15 -12.36 -30.75
CA CYS D 27 -4.30 -13.68 -31.33
C CYS D 27 -2.93 -14.11 -31.88
N TRP D 28 -2.25 -14.98 -31.15
CA TRP D 28 -0.95 -15.48 -31.57
C TRP D 28 -1.12 -16.52 -32.67
N ASP D 29 -1.04 -16.09 -33.93
CA ASP D 29 -1.14 -17.00 -35.05
C ASP D 29 0.15 -17.78 -35.20
N ILE D 30 0.23 -18.94 -34.54
CA ILE D 30 1.46 -19.73 -34.54
C ILE D 30 1.56 -20.48 -35.86
N SER D 31 2.55 -20.11 -36.66
CA SER D 31 2.81 -20.79 -37.92
C SER D 31 3.81 -21.93 -37.69
N SER D 32 4.00 -22.74 -38.73
CA SER D 32 4.95 -23.83 -38.65
C SER D 32 6.40 -23.37 -38.76
N SER D 33 6.63 -22.16 -39.25
CA SER D 33 7.97 -21.62 -39.42
C SER D 33 8.17 -20.30 -38.68
N GLY D 34 7.29 -19.97 -37.75
CA GLY D 34 7.48 -18.75 -36.98
C GLY D 34 6.32 -18.49 -36.04
N VAL D 35 6.46 -17.41 -35.28
CA VAL D 35 5.44 -16.91 -34.37
C VAL D 35 4.97 -15.56 -34.90
N ASN D 36 3.67 -15.45 -35.16
CA ASN D 36 3.12 -14.30 -35.86
C ASN D 36 2.00 -13.71 -35.01
N LEU D 37 1.78 -12.41 -35.16
CA LEU D 37 0.76 -11.69 -34.41
C LEU D 37 0.35 -10.45 -35.17
N GLN D 38 -0.94 -10.30 -35.47
CA GLN D 38 -1.51 -9.06 -35.98
C GLN D 38 -2.69 -8.68 -35.10
N SER D 39 -2.63 -7.48 -34.50
CA SER D 39 -3.72 -6.99 -33.68
C SER D 39 -3.70 -5.48 -33.68
N MET D 40 -4.86 -4.89 -33.38
CA MET D 40 -5.02 -3.46 -33.22
C MET D 40 -5.29 -3.14 -31.75
N ASP D 41 -5.21 -1.84 -31.43
CA ASP D 41 -5.24 -1.39 -30.05
C ASP D 41 -6.69 -1.34 -29.52
N SER D 42 -6.86 -0.77 -28.33
CA SER D 42 -8.17 -0.69 -27.71
C SER D 42 -9.07 0.33 -28.38
N SER D 43 -8.49 1.34 -29.02
CA SER D 43 -9.25 2.32 -29.79
C SER D 43 -9.28 2.01 -31.28
N HIS D 44 -8.65 0.89 -31.69
CA HIS D 44 -8.62 0.36 -33.07
C HIS D 44 -8.08 1.38 -34.08
N VAL D 45 -7.02 2.09 -33.71
CA VAL D 45 -6.38 3.03 -34.62
C VAL D 45 -4.92 2.67 -34.91
N SER D 46 -4.23 1.94 -34.03
CA SER D 46 -2.83 1.61 -34.22
C SER D 46 -2.69 0.11 -34.42
N LEU D 47 -2.11 -0.28 -35.54
CA LEU D 47 -1.96 -1.69 -35.90
C LEU D 47 -0.59 -2.19 -35.47
N VAL D 48 -0.56 -3.35 -34.81
CA VAL D 48 0.67 -3.99 -34.36
C VAL D 48 0.88 -5.26 -35.17
N GLN D 49 2.05 -5.39 -35.78
CA GLN D 49 2.44 -6.60 -36.47
C GLN D 49 3.70 -7.15 -35.82
N LEU D 50 3.77 -8.47 -35.68
CA LEU D 50 4.86 -9.13 -34.99
C LEU D 50 5.25 -10.38 -35.75
N THR D 51 6.56 -10.66 -35.77
CA THR D 51 7.05 -11.87 -36.43
C THR D 51 8.28 -12.34 -35.66
N LEU D 52 8.16 -13.47 -34.97
CA LEU D 52 9.29 -14.12 -34.30
C LEU D 52 9.64 -15.36 -35.12
N ARG D 53 10.80 -15.35 -35.76
CA ARG D 53 11.18 -16.41 -36.68
C ARG D 53 11.63 -17.65 -35.92
N SER D 54 11.49 -18.80 -36.59
CA SER D 54 11.71 -20.09 -35.93
C SER D 54 13.19 -20.42 -35.73
N GLU D 55 14.09 -19.81 -36.51
CA GLU D 55 15.50 -20.15 -36.37
C GLU D 55 16.16 -19.46 -35.18
N GLY D 56 15.52 -18.43 -34.61
CA GLY D 56 16.04 -17.82 -33.40
C GLY D 56 15.78 -18.61 -32.15
N PHE D 57 14.81 -19.51 -32.17
CA PHE D 57 14.51 -20.35 -31.03
C PHE D 57 15.51 -21.51 -30.96
N ASP D 58 15.60 -22.11 -29.78
CA ASP D 58 16.51 -23.25 -29.61
C ASP D 58 15.88 -24.52 -30.21
N THR D 59 14.75 -24.95 -29.65
CA THR D 59 13.97 -26.06 -30.19
C THR D 59 12.57 -25.54 -30.50
N TYR D 60 12.12 -25.78 -31.73
CA TYR D 60 10.81 -25.32 -32.19
C TYR D 60 10.11 -26.45 -32.92
N ARG D 61 8.91 -26.80 -32.45
CA ARG D 61 8.05 -27.74 -33.15
C ARG D 61 6.65 -27.15 -33.26
N CYS D 62 5.97 -27.48 -34.36
CA CYS D 62 4.61 -27.01 -34.58
C CYS D 62 3.89 -28.06 -35.42
N ASP D 63 3.11 -28.91 -34.74
CA ASP D 63 2.39 -29.97 -35.42
C ASP D 63 1.09 -29.50 -36.05
N ARG D 64 0.61 -28.31 -35.70
CA ARG D 64 -0.66 -27.80 -36.20
C ARG D 64 -0.64 -26.28 -36.12
N ASN D 65 -1.16 -25.63 -37.17
CA ASN D 65 -1.27 -24.18 -37.17
C ASN D 65 -2.40 -23.73 -36.24
N LEU D 66 -2.03 -23.39 -35.01
CA LEU D 66 -2.97 -23.06 -33.94
C LEU D 66 -2.92 -21.57 -33.62
N ALA D 67 -4.08 -21.00 -33.32
CA ALA D 67 -4.21 -19.57 -33.06
C ALA D 67 -4.73 -19.37 -31.64
N MET D 68 -3.81 -19.17 -30.71
CA MET D 68 -4.17 -18.96 -29.32
C MET D 68 -4.65 -17.53 -29.08
N GLY D 69 -5.68 -17.40 -28.25
CA GLY D 69 -6.18 -16.10 -27.86
C GLY D 69 -5.71 -15.75 -26.45
N VAL D 70 -4.83 -14.75 -26.35
CA VAL D 70 -4.13 -14.45 -25.10
C VAL D 70 -4.41 -13.00 -24.71
N ASN D 71 -4.92 -12.80 -23.50
CA ASN D 71 -4.86 -11.49 -22.87
C ASN D 71 -3.41 -11.19 -22.52
N LEU D 72 -2.84 -10.16 -23.15
CA LEU D 72 -1.42 -9.88 -23.00
C LEU D 72 -1.06 -9.21 -21.68
N THR D 73 -2.04 -8.70 -20.93
CA THR D 73 -1.76 -8.20 -19.59
C THR D 73 -1.43 -9.35 -18.64
N SER D 74 -2.17 -10.46 -18.75
CA SER D 74 -1.93 -11.62 -17.92
C SER D 74 -0.62 -12.31 -18.28
N MET D 75 -0.35 -12.46 -19.58
CA MET D 75 0.89 -13.12 -19.98
C MET D 75 2.08 -12.17 -19.79
N SER D 76 1.86 -10.86 -19.79
CA SER D 76 2.90 -9.92 -19.40
C SER D 76 3.21 -10.00 -17.91
N LYS D 77 2.17 -10.19 -17.08
CA LYS D 77 2.39 -10.40 -15.64
C LYS D 77 3.06 -11.74 -15.34
N ILE D 78 2.84 -12.74 -16.19
CA ILE D 78 3.50 -14.03 -16.00
C ILE D 78 4.93 -14.00 -16.56
N LEU D 79 5.16 -13.24 -17.62
CA LEU D 79 6.52 -13.03 -18.11
C LEU D 79 7.32 -12.04 -17.27
N LYS D 80 6.66 -11.28 -16.40
CA LYS D 80 7.38 -10.51 -15.39
C LYS D 80 8.00 -11.41 -14.32
N CYS D 81 7.49 -12.64 -14.16
CA CYS D 81 8.10 -13.59 -13.24
C CYS D 81 9.44 -14.12 -13.74
N ALA D 82 9.62 -14.19 -15.06
CA ALA D 82 10.86 -14.71 -15.61
C ALA D 82 11.99 -13.70 -15.46
N GLY D 83 13.20 -14.21 -15.27
CA GLY D 83 14.37 -13.36 -15.21
C GLY D 83 14.83 -12.94 -16.59
N ASN D 84 15.81 -12.04 -16.61
CA ASN D 84 16.35 -11.54 -17.86
C ASN D 84 17.39 -12.47 -18.48
N GLU D 85 17.75 -13.55 -17.79
CA GLU D 85 18.67 -14.56 -18.33
C GLU D 85 17.99 -15.93 -18.39
N ASP D 86 16.66 -15.97 -18.35
CA ASP D 86 15.93 -17.22 -18.22
C ASP D 86 15.70 -17.86 -19.58
N ILE D 87 15.89 -19.19 -19.63
CA ILE D 87 15.55 -19.97 -20.82
C ILE D 87 14.06 -20.27 -20.75
N ILE D 88 13.33 -19.83 -21.78
CA ILE D 88 11.86 -19.79 -21.74
C ILE D 88 11.32 -20.75 -22.78
N THR D 89 10.53 -21.73 -22.34
CA THR D 89 9.95 -22.75 -23.21
C THR D 89 8.43 -22.56 -23.24
N LEU D 90 7.88 -22.40 -24.43
CA LEU D 90 6.45 -22.15 -24.61
C LEU D 90 5.73 -23.43 -25.02
N ARG D 91 5.53 -24.30 -24.02
CA ARG D 91 4.77 -25.52 -24.25
C ARG D 91 3.29 -25.21 -24.37
N ALA D 92 2.62 -25.88 -25.30
CA ALA D 92 1.18 -25.73 -25.50
C ALA D 92 0.55 -27.11 -25.69
N GLU D 93 -0.78 -27.12 -25.74
CA GLU D 93 -1.54 -28.35 -25.97
C GLU D 93 -2.59 -28.11 -27.03
N ASP D 94 -2.86 -29.15 -27.81
CA ASP D 94 -3.82 -29.03 -28.92
C ASP D 94 -5.26 -28.97 -28.41
N ASN D 95 -5.59 -29.82 -27.44
CA ASN D 95 -6.96 -29.85 -26.90
C ASN D 95 -7.13 -28.98 -25.67
N ALA D 96 -6.13 -28.96 -24.78
CA ALA D 96 -6.17 -28.12 -23.59
C ALA D 96 -5.71 -26.72 -23.93
N ASP D 97 -6.49 -25.72 -23.52
CA ASP D 97 -6.19 -24.32 -23.81
C ASP D 97 -5.37 -23.70 -22.67
N THR D 98 -4.17 -24.25 -22.47
CA THR D 98 -3.20 -23.75 -21.50
C THR D 98 -1.86 -23.57 -22.20
N LEU D 99 -1.26 -22.39 -22.01
CA LEU D 99 0.07 -22.10 -22.53
C LEU D 99 1.07 -22.32 -21.39
N ALA D 100 1.71 -23.49 -21.40
CA ALA D 100 2.62 -23.88 -20.33
C ALA D 100 3.96 -23.18 -20.53
N LEU D 101 4.06 -21.97 -20.00
CA LEU D 101 5.31 -21.19 -20.03
C LEU D 101 6.30 -21.79 -19.04
N VAL D 102 7.42 -22.30 -19.53
CA VAL D 102 8.42 -22.94 -18.70
C VAL D 102 9.65 -22.04 -18.68
N PHE D 103 9.89 -21.37 -17.56
CA PHE D 103 11.08 -20.54 -17.39
C PHE D 103 12.13 -21.36 -16.66
N GLU D 104 13.30 -21.50 -17.26
CA GLU D 104 14.40 -22.24 -16.67
C GLU D 104 15.56 -21.31 -16.37
N ALA D 105 16.18 -21.49 -15.21
CA ALA D 105 17.35 -20.72 -14.84
C ALA D 105 18.55 -21.16 -15.68
N PRO D 106 19.53 -20.27 -15.90
CA PRO D 106 20.78 -20.69 -16.59
C PRO D 106 21.58 -21.74 -15.84
N ASN D 107 21.57 -21.71 -14.51
CA ASN D 107 22.11 -22.82 -13.74
C ASN D 107 20.99 -23.82 -13.44
N GLN D 108 21.38 -25.09 -13.31
CA GLN D 108 20.40 -26.17 -13.17
C GLN D 108 20.04 -26.35 -11.69
N GLU D 109 19.29 -25.36 -11.18
CA GLU D 109 18.80 -25.39 -9.81
C GLU D 109 17.34 -25.00 -9.66
N LYS D 110 16.74 -24.30 -10.62
CA LYS D 110 15.35 -23.85 -10.50
C LYS D 110 14.71 -23.85 -11.87
N VAL D 111 13.58 -24.55 -12.00
CA VAL D 111 12.72 -24.47 -13.17
C VAL D 111 11.33 -24.08 -12.68
N SER D 112 10.66 -23.20 -13.43
CA SER D 112 9.41 -22.62 -12.95
C SER D 112 8.35 -22.72 -14.04
N ASP D 113 7.44 -23.67 -13.86
CA ASP D 113 6.40 -23.96 -14.84
C ASP D 113 5.17 -23.08 -14.60
N TYR D 114 4.62 -22.52 -15.68
CA TYR D 114 3.50 -21.58 -15.61
C TYR D 114 2.48 -21.91 -16.69
N GLU D 115 1.36 -22.51 -16.32
CA GLU D 115 0.24 -22.48 -17.24
C GLU D 115 -0.51 -21.15 -17.12
N MET D 116 -1.34 -20.86 -18.11
CA MET D 116 -2.23 -19.72 -18.06
C MET D 116 -3.51 -20.06 -18.80
N LYS D 117 -4.56 -19.30 -18.50
CA LYS D 117 -5.87 -19.52 -19.10
C LYS D 117 -5.97 -18.71 -20.39
N LEU D 118 -6.27 -19.39 -21.50
CA LEU D 118 -6.40 -18.76 -22.80
C LEU D 118 -7.88 -18.65 -23.16
N MET D 119 -8.30 -17.45 -23.54
CA MET D 119 -9.63 -17.26 -24.09
C MET D 119 -9.60 -17.45 -25.60
N ASP D 120 -10.73 -17.17 -26.26
CA ASP D 120 -10.84 -17.27 -27.70
C ASP D 120 -11.18 -15.90 -28.27
N LEU D 121 -10.23 -15.30 -28.98
CA LEU D 121 -10.47 -14.02 -29.66
C LEU D 121 -9.76 -14.13 -31.01
N ASP D 122 -10.52 -14.54 -32.02
CA ASP D 122 -10.03 -14.63 -33.40
C ASP D 122 -10.84 -13.68 -34.26
N VAL D 123 -10.16 -12.69 -34.83
CA VAL D 123 -10.81 -11.66 -35.64
C VAL D 123 -10.14 -11.61 -37.01
N GLU D 124 -10.70 -10.80 -37.90
CA GLU D 124 -10.18 -10.64 -39.25
C GLU D 124 -8.96 -9.74 -39.19
N GLN D 125 -7.79 -10.32 -39.45
CA GLN D 125 -6.56 -9.54 -39.53
C GLN D 125 -6.52 -8.73 -40.82
N LEU D 126 -5.97 -7.53 -40.73
CA LEU D 126 -5.82 -6.64 -41.88
C LEU D 126 -4.39 -6.72 -42.38
N GLY D 127 -4.18 -7.43 -43.48
CA GLY D 127 -2.85 -7.60 -44.03
C GLY D 127 -2.40 -6.35 -44.76
N ILE D 128 -1.25 -5.80 -44.35
CA ILE D 128 -0.71 -4.60 -45.00
C ILE D 128 -0.12 -4.98 -46.35
N PRO D 129 -0.27 -4.16 -47.39
CA PRO D 129 0.46 -4.41 -48.63
C PRO D 129 1.92 -3.99 -48.51
N GLU D 130 2.81 -4.83 -49.02
CA GLU D 130 4.24 -4.53 -49.02
C GLU D 130 4.53 -3.51 -50.10
N GLN D 131 4.82 -2.28 -49.70
CA GLN D 131 5.06 -1.18 -50.61
C GLN D 131 6.40 -0.52 -50.29
N GLU D 132 6.98 0.13 -51.31
CA GLU D 132 8.19 0.90 -51.11
C GLU D 132 7.88 2.18 -50.32
N TYR D 133 8.84 2.60 -49.51
CA TYR D 133 8.65 3.74 -48.62
C TYR D 133 9.62 4.85 -48.99
N SER D 134 9.11 6.08 -49.02
CA SER D 134 9.86 7.21 -49.55
C SER D 134 10.95 7.67 -48.59
N CYS D 135 10.73 7.55 -47.29
CA CYS D 135 11.66 8.06 -46.29
C CYS D 135 11.88 6.99 -45.22
N VAL D 136 12.99 6.28 -45.32
CA VAL D 136 13.34 5.22 -44.38
C VAL D 136 14.41 5.77 -43.45
N VAL D 137 14.03 6.03 -42.20
CA VAL D 137 14.92 6.58 -41.19
C VAL D 137 15.32 5.45 -40.26
N LYS D 138 16.56 4.98 -40.38
CA LYS D 138 17.06 3.87 -39.57
C LYS D 138 17.97 4.54 -38.54
N MET D 139 17.40 4.84 -37.38
CA MET D 139 17.97 5.70 -36.36
C MET D 139 17.94 4.97 -35.02
N PRO D 140 18.83 5.33 -34.08
CA PRO D 140 18.90 4.59 -32.81
C PRO D 140 17.68 4.74 -31.92
N SER D 141 17.46 3.71 -31.10
CA SER D 141 16.20 3.52 -30.39
C SER D 141 16.03 4.47 -29.20
N GLY D 142 17.09 4.66 -28.40
CA GLY D 142 17.01 5.56 -27.26
C GLY D 142 16.88 7.01 -27.67
N GLU D 143 17.41 7.35 -28.86
CA GLU D 143 17.15 8.65 -29.46
C GLU D 143 15.67 8.83 -29.77
N PHE D 144 15.01 7.77 -30.27
CA PHE D 144 13.58 7.84 -30.55
C PHE D 144 12.75 7.88 -29.28
N ALA D 145 13.23 7.24 -28.20
CA ALA D 145 12.58 7.35 -26.90
C ALA D 145 12.68 8.77 -26.35
N ARG D 146 13.83 9.42 -26.57
CA ARG D 146 13.98 10.84 -26.26
C ARG D 146 13.02 11.71 -27.08
N ILE D 147 12.84 11.40 -28.38
CA ILE D 147 11.88 12.13 -29.23
C ILE D 147 10.45 11.98 -28.72
N CYS D 148 10.03 10.74 -28.42
CA CYS D 148 8.65 10.47 -28.02
C CYS D 148 8.31 11.06 -26.66
N ARG D 149 9.17 10.85 -25.65
CA ARG D 149 8.87 11.41 -24.32
C ARG D 149 9.07 12.92 -24.27
N ASP D 150 10.15 13.43 -24.84
CA ASP D 150 10.43 14.86 -24.77
C ASP D 150 9.58 15.69 -25.73
N LEU D 151 8.88 15.08 -26.68
CA LEU D 151 7.90 15.83 -27.43
C LEU D 151 6.47 15.58 -26.97
N SER D 152 6.22 14.48 -26.24
CA SER D 152 4.94 14.32 -25.56
C SER D 152 4.86 15.17 -24.29
N HIS D 153 6.00 15.65 -23.79
CA HIS D 153 5.97 16.62 -22.69
C HIS D 153 5.35 17.96 -23.12
N ILE D 154 5.58 18.37 -24.37
CA ILE D 154 5.15 19.70 -24.82
C ILE D 154 3.92 19.67 -25.72
N GLY D 155 3.52 18.51 -26.22
CA GLY D 155 2.41 18.49 -27.15
C GLY D 155 1.79 17.12 -27.28
N ASP D 156 0.81 17.03 -28.18
CA ASP D 156 0.10 15.78 -28.44
C ASP D 156 0.22 15.36 -29.91
N ALA D 157 1.08 16.01 -30.68
CA ALA D 157 1.26 15.68 -32.08
C ALA D 157 2.67 16.04 -32.52
N VAL D 158 3.31 15.16 -33.28
CA VAL D 158 4.57 15.46 -33.94
C VAL D 158 4.35 15.45 -35.45
N VAL D 159 4.94 16.43 -36.13
CA VAL D 159 4.80 16.60 -37.56
C VAL D 159 6.18 16.34 -38.15
N ILE D 160 6.45 15.09 -38.54
CA ILE D 160 7.80 14.70 -38.93
C ILE D 160 8.08 15.15 -40.35
N SER D 161 9.21 15.82 -40.54
CA SER D 161 9.66 16.31 -41.84
C SER D 161 10.91 15.54 -42.25
N CYS D 162 10.92 15.06 -43.50
CA CYS D 162 12.04 14.29 -44.03
C CYS D 162 12.86 15.14 -45.00
N ALA D 163 14.19 14.98 -44.90
CA ALA D 163 15.12 15.64 -45.80
C ALA D 163 16.38 14.79 -45.88
N LYS D 164 17.25 15.14 -46.83
CA LYS D 164 18.47 14.35 -47.05
C LYS D 164 19.50 14.61 -45.95
N ASP D 165 19.64 15.86 -45.52
CA ASP D 165 20.64 16.19 -44.50
C ASP D 165 20.22 15.76 -43.10
N GLY D 166 18.93 15.82 -42.79
CA GLY D 166 18.47 15.44 -41.48
C GLY D 166 16.96 15.27 -41.45
N VAL D 167 16.50 14.55 -40.44
CA VAL D 167 15.08 14.37 -40.19
C VAL D 167 14.67 15.25 -39.02
N LYS D 168 13.52 15.90 -39.15
CA LYS D 168 13.06 16.89 -38.17
C LYS D 168 11.74 16.43 -37.57
N PHE D 169 11.70 16.32 -36.25
CA PHE D 169 10.48 15.99 -35.52
C PHE D 169 9.91 17.30 -34.95
N SER D 170 8.80 17.76 -35.50
CA SER D 170 8.25 19.06 -35.18
C SER D 170 6.96 18.89 -34.37
N ALA D 171 6.98 19.36 -33.13
CA ALA D 171 5.81 19.38 -32.27
C ALA D 171 5.41 20.82 -32.00
N SER D 172 4.11 21.09 -32.08
CA SER D 172 3.56 22.45 -32.00
C SER D 172 2.39 22.49 -31.03
N GLY D 173 2.59 21.96 -29.83
CA GLY D 173 1.54 21.91 -28.83
C GLY D 173 1.27 23.25 -28.17
N GLU D 174 0.32 23.22 -27.24
CA GLU D 174 -0.14 24.45 -26.58
C GLU D 174 0.86 24.99 -25.57
N LEU D 175 1.80 24.17 -25.10
CA LEU D 175 2.84 24.67 -24.20
C LEU D 175 3.88 25.47 -24.94
N GLY D 176 4.07 25.18 -26.23
CA GLY D 176 5.07 25.87 -27.02
C GLY D 176 5.42 25.07 -28.24
N ASN D 177 6.38 25.60 -28.99
CA ASN D 177 6.81 24.99 -30.24
C ASN D 177 8.05 24.14 -29.91
N GLY D 178 8.28 23.13 -30.75
CA GLY D 178 9.47 22.31 -30.63
C GLY D 178 9.90 21.73 -31.97
N ASN D 179 11.19 21.90 -32.32
CA ASN D 179 11.74 21.40 -33.59
C ASN D 179 13.03 20.66 -33.28
N ILE D 180 12.96 19.35 -33.12
CA ILE D 180 14.17 18.55 -32.95
C ILE D 180 14.59 18.02 -34.32
N LYS D 181 15.73 18.50 -34.82
CA LYS D 181 16.26 18.08 -36.10
C LYS D 181 17.50 17.24 -35.88
N LEU D 182 17.51 16.05 -36.46
CA LEU D 182 18.65 15.15 -36.33
C LEU D 182 19.63 15.38 -37.48
N SER D 183 20.69 14.57 -37.51
CA SER D 183 21.73 14.69 -38.52
C SER D 183 22.00 13.32 -39.14
N GLN D 184 22.30 13.32 -40.44
CA GLN D 184 22.56 12.08 -41.16
C GLN D 184 23.97 11.59 -40.86
N THR D 185 24.07 10.35 -40.37
CA THR D 185 25.36 9.72 -40.12
C THR D 185 25.18 8.22 -40.30
N SER D 186 25.84 7.65 -41.31
CA SER D 186 25.72 6.22 -41.62
C SER D 186 26.95 5.49 -41.06
N ASN D 187 26.96 5.34 -39.73
CA ASN D 187 28.01 4.66 -38.95
C ASN D 187 29.40 5.26 -39.17
N VAL D 188 29.45 6.59 -39.28
CA VAL D 188 30.70 7.26 -39.63
C VAL D 188 31.57 7.46 -38.39
N ASP D 189 31.02 8.11 -37.35
CA ASP D 189 31.82 8.46 -36.18
C ASP D 189 31.72 7.41 -35.08
N LYS D 190 30.50 7.14 -34.60
CA LYS D 190 30.32 6.26 -33.45
C LYS D 190 30.40 4.80 -33.87
N GLU D 191 30.41 3.91 -32.87
CA GLU D 191 30.70 2.51 -33.10
C GLU D 191 29.52 1.75 -33.71
N GLU D 192 28.30 2.22 -33.50
CA GLU D 192 27.11 1.60 -34.06
C GLU D 192 26.44 2.58 -35.01
N GLU D 193 25.32 2.16 -35.59
CA GLU D 193 24.72 2.90 -36.69
C GLU D 193 23.86 4.05 -36.17
N ALA D 194 24.17 5.26 -36.62
CA ALA D 194 23.44 6.45 -36.26
C ALA D 194 22.29 6.66 -37.26
N VAL D 195 21.73 7.87 -37.29
CA VAL D 195 20.54 8.19 -38.09
C VAL D 195 20.88 8.14 -39.57
N THR D 196 20.37 7.11 -40.25
CA THR D 196 20.55 6.93 -41.68
C THR D 196 19.20 7.10 -42.36
N ILE D 197 19.12 8.07 -43.28
CA ILE D 197 17.86 8.42 -43.94
C ILE D 197 17.98 8.07 -45.41
N GLU D 198 17.02 7.30 -45.91
CA GLU D 198 16.90 6.99 -47.33
C GLU D 198 15.68 7.77 -47.83
N MET D 199 15.91 9.02 -48.22
CA MET D 199 14.85 9.97 -48.53
C MET D 199 14.78 10.14 -50.04
N ASN D 200 13.59 9.93 -50.60
CA ASN D 200 13.33 10.14 -52.01
C ASN D 200 12.27 11.18 -52.28
N GLU D 201 11.10 11.06 -51.66
CA GLU D 201 10.06 12.08 -51.68
C GLU D 201 9.89 12.67 -50.29
N PRO D 202 9.57 13.97 -50.17
CA PRO D 202 9.40 14.56 -48.84
C PRO D 202 8.16 14.06 -48.12
N VAL D 203 8.26 14.01 -46.79
CA VAL D 203 7.23 13.46 -45.92
C VAL D 203 6.81 14.56 -44.96
N GLN D 204 5.51 14.89 -44.96
CA GLN D 204 5.01 16.03 -44.18
C GLN D 204 3.67 15.57 -43.58
N LEU D 205 3.75 14.86 -42.45
CA LEU D 205 2.59 14.19 -41.86
C LEU D 205 2.49 14.45 -40.36
N THR D 206 1.29 14.79 -39.92
CA THR D 206 1.00 15.03 -38.51
C THR D 206 0.60 13.70 -37.85
N PHE D 207 1.23 13.38 -36.73
CA PHE D 207 1.11 12.08 -36.08
C PHE D 207 0.57 12.24 -34.67
N ALA D 208 0.56 11.14 -33.92
CA ALA D 208 0.08 11.10 -32.54
C ALA D 208 1.20 10.72 -31.59
N LEU D 209 1.09 11.15 -30.33
CA LEU D 209 2.14 10.95 -29.34
C LEU D 209 1.81 9.98 -28.22
N ARG D 210 0.53 9.78 -27.89
CA ARG D 210 0.20 8.71 -26.96
C ARG D 210 0.49 7.35 -27.56
N TYR D 211 0.17 7.18 -28.84
CA TYR D 211 0.45 5.92 -29.52
C TYR D 211 1.93 5.78 -29.85
N LEU D 212 2.65 6.89 -30.07
CA LEU D 212 4.11 6.79 -30.22
C LEU D 212 4.79 6.50 -28.88
N ASN D 213 4.24 6.98 -27.78
CA ASN D 213 4.74 6.63 -26.45
C ASN D 213 4.46 5.16 -26.14
N PHE D 214 3.35 4.62 -26.65
CA PHE D 214 3.12 3.18 -26.58
C PHE D 214 4.07 2.42 -27.51
N PHE D 215 4.43 3.02 -28.64
CA PHE D 215 5.33 2.36 -29.60
C PHE D 215 6.75 2.26 -29.10
N THR D 216 7.21 3.27 -28.36
CA THR D 216 8.63 3.35 -27.97
C THR D 216 8.96 2.54 -26.72
N LYS D 217 8.07 1.69 -26.24
CA LYS D 217 8.39 0.78 -25.16
C LYS D 217 9.06 -0.50 -25.64
N ALA D 218 9.26 -0.65 -26.96
CA ALA D 218 10.02 -1.74 -27.52
C ALA D 218 11.49 -1.43 -27.68
N THR D 219 11.93 -0.26 -27.23
CA THR D 219 13.32 0.17 -27.29
C THR D 219 14.38 -0.67 -26.54
N PRO D 220 14.09 -1.45 -25.48
CA PRO D 220 15.10 -2.43 -25.03
C PRO D 220 15.32 -3.61 -25.98
N LEU D 221 14.45 -3.85 -26.97
CA LEU D 221 14.69 -4.95 -27.90
C LEU D 221 15.82 -4.62 -28.87
N SER D 222 15.62 -3.60 -29.70
CA SER D 222 16.56 -3.26 -30.75
C SER D 222 17.35 -2.02 -30.36
N SER D 223 18.57 -1.93 -30.87
CA SER D 223 19.35 -0.73 -30.72
C SER D 223 18.93 0.37 -31.69
N THR D 224 18.25 0.01 -32.78
CA THR D 224 17.87 0.95 -33.82
C THR D 224 16.37 0.85 -34.11
N VAL D 225 15.82 1.96 -34.62
CA VAL D 225 14.42 2.04 -35.04
C VAL D 225 14.40 2.40 -36.52
N THR D 226 13.75 1.57 -37.33
CA THR D 226 13.66 1.80 -38.77
C THR D 226 12.30 2.42 -39.09
N LEU D 227 12.25 3.75 -39.02
CA LEU D 227 11.04 4.51 -39.33
C LEU D 227 10.89 4.63 -40.84
N SER D 228 9.91 3.94 -41.41
CA SER D 228 9.64 3.99 -42.83
C SER D 228 8.23 4.52 -43.05
N MET D 229 8.10 5.56 -43.89
CA MET D 229 6.82 6.19 -44.13
C MET D 229 6.83 6.90 -45.47
N SER D 230 5.63 7.21 -45.96
CA SER D 230 5.44 7.96 -47.20
C SER D 230 4.25 8.90 -46.98
N ALA D 231 3.76 9.47 -48.08
CA ALA D 231 2.68 10.45 -48.02
C ALA D 231 1.34 9.74 -47.88
N ASP D 232 0.60 10.09 -46.82
CA ASP D 232 -0.77 9.63 -46.51
C ASP D 232 -0.85 8.11 -46.38
N VAL D 233 0.16 7.51 -45.76
CA VAL D 233 0.15 6.09 -45.43
C VAL D 233 0.53 6.04 -43.95
N PRO D 234 0.09 5.03 -43.19
CA PRO D 234 0.65 4.83 -41.85
C PRO D 234 2.14 4.50 -41.90
N LEU D 235 2.87 4.98 -40.89
CA LEU D 235 4.31 4.74 -40.82
C LEU D 235 4.58 3.32 -40.35
N VAL D 236 5.80 2.86 -40.58
CA VAL D 236 6.25 1.54 -40.17
C VAL D 236 7.36 1.74 -39.16
N VAL D 237 7.13 1.31 -37.93
CA VAL D 237 8.15 1.39 -36.89
C VAL D 237 8.73 -0.01 -36.69
N GLU D 238 9.82 -0.34 -37.37
CA GLU D 238 10.43 -1.65 -37.23
C GLU D 238 11.30 -1.71 -35.99
N TYR D 239 11.16 -2.80 -35.24
CA TYR D 239 12.08 -3.14 -34.16
C TYR D 239 12.70 -4.47 -34.58
N LYS D 240 13.79 -4.39 -35.33
CA LYS D 240 14.45 -5.57 -35.88
C LYS D 240 15.23 -6.26 -34.76
N ILE D 241 14.68 -7.36 -34.27
CA ILE D 241 15.33 -8.11 -33.20
C ILE D 241 16.48 -8.91 -33.81
N ALA D 242 17.62 -8.94 -33.11
CA ALA D 242 18.82 -9.58 -33.63
C ALA D 242 18.66 -11.10 -33.70
N ASP D 243 18.69 -11.63 -34.94
CA ASP D 243 18.47 -13.02 -35.39
C ASP D 243 17.35 -13.78 -34.68
N MET D 244 16.23 -13.10 -34.43
CA MET D 244 15.07 -13.76 -33.82
C MET D 244 13.81 -13.40 -34.59
N GLY D 245 13.79 -12.23 -35.19
CA GLY D 245 12.62 -11.77 -35.92
C GLY D 245 12.56 -10.24 -35.89
N HIS D 246 11.34 -9.72 -35.96
CA HIS D 246 11.13 -8.27 -35.98
C HIS D 246 9.78 -7.95 -35.37
N LEU D 247 9.59 -6.68 -35.03
CA LEU D 247 8.33 -6.20 -34.47
C LEU D 247 7.98 -4.88 -35.15
N LYS D 248 6.78 -4.81 -35.71
CA LYS D 248 6.33 -3.64 -36.46
C LYS D 248 5.26 -2.89 -35.67
N TYR D 249 5.10 -1.62 -36.01
CA TYR D 249 4.05 -0.77 -35.47
C TYR D 249 3.52 0.11 -36.60
N TYR D 250 2.23 0.39 -36.56
CA TYR D 250 1.56 1.17 -37.60
C TYR D 250 0.68 2.21 -36.94
N LEU D 251 0.70 3.43 -37.46
CA LEU D 251 -0.18 4.48 -36.94
C LEU D 251 -0.55 5.43 -38.07
N ALA D 252 -1.85 5.62 -38.26
CA ALA D 252 -2.34 6.48 -39.34
C ALA D 252 -2.08 7.94 -38.99
N PRO D 253 -1.81 8.79 -40.00
CA PRO D 253 -1.66 10.22 -39.73
C PRO D 253 -2.99 10.88 -39.36
N LYS D 254 -2.90 11.97 -38.61
CA LYS D 254 -4.07 12.69 -38.16
C LYS D 254 -4.69 13.53 -39.28
#